data_2OZM
#
_entry.id   2OZM
#
_cell.length_a   81.232
_cell.length_b   117.492
_cell.length_c   126.142
_cell.angle_alpha   90.00
_cell.angle_beta   90.00
_cell.angle_gamma   90.00
#
_symmetry.space_group_name_H-M   'P 21 21 21'
#
loop_
_entity.id
_entity.type
_entity.pdbx_description
1 polymer 'Template DNA'
2 polymer 'Primer DNA'
3 polymer 'DNA polymerase'
4 non-polymer 'MAGNESIUM ION'
5 non-polymer '1-{2-DEOXY-5-O-[(R)-HYDROXY{[(R)-HYDROXY(PHOSPHONOOXY)PHOSPHORYL]OXY}PHOSPHORYL]-BETA-D-ERYTHRO-PENTOFURANOSYL}-5-NITRO -1H-INDOLE'
6 water water
#
loop_
_entity_poly.entity_id
_entity_poly.type
_entity_poly.pdbx_seq_one_letter_code
_entity_poly.pdbx_strand_id
1 'polydeoxyribonucleotide' (DC)(DG)(3DR)(DC)(DT)(DT)(DA)(DT)(DG)(DA)(DC)(DA)(DG)(DC)(DC)(DG)(DC)(DG) T
2 'polydeoxyribonucleotide' (DG)(DC)(DG)(DG)(DC)(DT)(DG)(DT)(DC)(DA)(DT)(DA)(DA)(DDG) P
3 'polypeptide(L)'
;MKEFYLTVEQIGDSIFERYIDSNGRERTREVEYKPSLFAHCPESQATKYFDIYGKPCTRKLFANMRDASQWIKRMEDIGL
EALGMDDFKLAYLSDTYNYEIKYDHTKIRVANFDIEVTSPDGFPEPSQAKHPIDAITHYDSIDDRFYVFDLLNSPYGNVE
EWSIEIAAKLQEQGGDEVPSEIIDKIIYMPFDNEKELLMEYLNFWQQKTPVILTGWNVESFAIPYVYNRIKNIFGESTAK
RLSPHRKTRVKVIENMYGSREIITLFGISVLDYIDLYKKFSFTNQPSYSLDYISEFELNVGKLKYDGPISKLRESNHQRY
ISYNIIAVYRVLQIDAKRQFINLSLDMGYYAKIQIQSVFSPIKTWDAIIFNSLKEQNKVIPQGRSHPVQPYPGAFVKEPI
PNRYKYVMSFDLTSLYPSIIRQVNISPETIAGTFKVAPLHDYINAVAERPSDVYSCSPNGMMYYKDRDGVVPTEITKVFN
QRKEHKGYMLAAQRNGEIIKEALHNPNLSVDEPLDVDYRFDFSDEIKEKIKKLSAKSLNEMLFRAQRTEVAGMTAQINRK
LLINSLYGALGNVWFRYYDLRNATAITTFGQMALQWIERKVNEYLNEVCGTEGEAFVLYGDTDSIYVSADKIIDKVGESK
FRDTNHWVDFLDKFARERMEPAIDRGFREMCEYMNNKQHLMFMDREAIAGPPLGSKGIGGFWTGKKRYALNVWDMEGTRY
AEPKLKIMGLETQKSSTPKAVQKALKECIRRMLQEGEESLQEYFKEFEKEFRQLNYISIASVSSANNIAKYDVGGFPGPK
CPFHIRGILTYNRAIKGNIDAPQVVEGEKVYVLPLREGNPFGDKCIAWPSGTEITDLIKDDVLHWMDYTVLLEKTFIKPL
EGFTSAAKLDYEKKASLFDMFDF
;
A
#
# COMPACT_ATOMS: atom_id res chain seq x y z
N MET C 1 19.64 1.13 29.38
CA MET C 1 18.89 1.65 28.21
C MET C 1 17.95 2.78 28.60
N LYS C 2 17.68 3.66 27.64
CA LYS C 2 16.68 4.73 27.79
C LYS C 2 15.26 4.13 27.95
N GLU C 3 14.39 4.84 28.66
CA GLU C 3 13.01 4.38 28.84
C GLU C 3 12.14 4.65 27.60
N PHE C 4 11.22 3.72 27.31
CA PHE C 4 10.27 3.88 26.20
C PHE C 4 8.87 3.28 26.46
N TYR C 5 7.85 3.92 25.90
CA TYR C 5 6.46 3.54 26.18
C TYR C 5 5.96 2.39 25.32
N LEU C 6 4.83 1.82 25.74
CA LEU C 6 4.22 0.72 25.03
C LEU C 6 2.85 1.15 24.53
N THR C 7 1.93 1.36 25.47
CA THR C 7 0.60 1.84 25.14
C THR C 7 0.21 2.96 26.10
N VAL C 8 -0.38 4.02 25.55
CA VAL C 8 -0.93 5.09 26.37
C VAL C 8 -2.43 5.20 26.13
N GLU C 9 -3.17 5.46 27.20
CA GLU C 9 -4.61 5.66 27.14
C GLU C 9 -5.04 6.81 28.04
N GLN C 10 -6.25 7.30 27.83
CA GLN C 10 -6.86 8.29 28.73
C GLN C 10 -8.21 7.78 29.22
N ILE C 11 -8.27 7.42 30.51
CA ILE C 11 -9.52 6.99 31.14
C ILE C 11 -9.92 8.00 32.21
N GLY C 12 -10.87 8.87 31.85
CA GLY C 12 -11.36 9.93 32.72
C GLY C 12 -10.25 10.91 33.08
N ASP C 13 -10.08 11.13 34.38
CA ASP C 13 -9.11 12.09 34.91
C ASP C 13 -7.69 11.55 34.99
N SER C 14 -7.49 10.28 34.61
CA SER C 14 -6.17 9.67 34.69
C SER C 14 -5.66 9.10 33.36
N ILE C 15 -4.34 9.01 33.26
CA ILE C 15 -3.67 8.41 32.12
C ILE C 15 -3.06 7.07 32.50
N PHE C 16 -3.40 6.02 31.72
CA PHE C 16 -2.85 4.68 31.93
C PHE C 16 -1.75 4.37 30.91
N GLU C 17 -0.52 4.21 31.40
CA GLU C 17 0.60 3.90 30.54
C GLU C 17 1.24 2.55 30.85
N ARG C 18 1.53 1.79 29.80
CA ARG C 18 2.42 0.64 29.87
C ARG C 18 3.74 1.08 29.24
N TYR C 19 4.86 0.61 29.79
CA TYR C 19 6.19 1.03 29.34
C TYR C 19 7.28 0.09 29.81
N ILE C 20 8.44 0.16 29.17
CA ILE C 20 9.65 -0.55 29.63
C ILE C 20 10.48 0.39 30.51
N ASP C 21 10.97 -0.13 31.64
CA ASP C 21 11.69 0.69 32.64
C ASP C 21 13.20 0.84 32.39
N SER C 22 13.92 1.32 33.41
CA SER C 22 15.38 1.49 33.34
C SER C 22 16.13 0.23 32.91
N ASN C 23 15.63 -0.92 33.34
CA ASN C 23 16.35 -2.18 33.17
C ASN C 23 15.83 -3.06 32.04
N GLY C 24 14.56 -2.88 31.70
CA GLY C 24 13.93 -3.65 30.62
C GLY C 24 12.74 -4.46 31.08
N ARG C 25 12.17 -4.08 32.22
CA ARG C 25 10.97 -4.72 32.73
C ARG C 25 9.75 -3.90 32.35
N GLU C 26 8.66 -4.61 32.04
CA GLU C 26 7.40 -3.96 31.70
C GLU C 26 6.63 -3.57 32.96
N ARG C 27 6.13 -2.33 32.96
CA ARG C 27 5.36 -1.80 34.09
C ARG C 27 4.06 -1.14 33.63
N THR C 28 3.36 -0.52 34.58
CA THR C 28 2.14 0.24 34.32
C THR C 28 2.07 1.47 35.25
N ARG C 29 1.34 2.51 34.83
CA ARG C 29 1.20 3.75 35.60
C ARG C 29 -0.21 4.33 35.55
N GLU C 30 -0.58 5.08 36.57
CA GLU C 30 -1.83 5.81 36.58
C GLU C 30 -1.52 7.25 36.96
N VAL C 31 -1.24 8.09 35.95
CA VAL C 31 -0.83 9.47 36.19
C VAL C 31 -2.01 10.43 36.04
N GLU C 32 -2.35 11.10 37.14
CA GLU C 32 -3.35 12.17 37.13
C GLU C 32 -2.75 13.38 36.41
N TYR C 33 -2.74 13.31 35.09
CA TYR C 33 -2.00 14.26 34.27
C TYR C 33 -2.59 15.68 34.35
N LYS C 34 -1.72 16.64 34.68
CA LYS C 34 -2.09 18.05 34.76
C LYS C 34 -1.61 18.74 33.49
N PRO C 35 -2.52 18.94 32.52
CA PRO C 35 -2.15 19.46 31.22
C PRO C 35 -2.07 20.97 31.20
N SER C 36 -1.42 21.51 30.16
CA SER C 36 -1.31 22.97 29.99
C SER C 36 -1.75 23.43 28.60
N LEU C 37 -2.84 24.19 28.56
CA LEU C 37 -3.26 24.85 27.32
C LEU C 37 -2.84 26.32 27.35
N PHE C 38 -3.15 27.05 26.28
CA PHE C 38 -2.65 28.41 26.11
C PHE C 38 -3.72 29.37 25.66
N ALA C 39 -3.56 30.64 26.02
CA ALA C 39 -4.45 31.70 25.58
C ALA C 39 -3.61 32.87 25.12
N HIS C 40 -4.08 33.56 24.08
CA HIS C 40 -3.47 34.81 23.65
C HIS C 40 -3.59 35.82 24.79
N CYS C 41 -2.54 36.63 24.97
CA CYS C 41 -2.54 37.65 26.01
C CYS C 41 -1.96 38.96 25.47
N PRO C 42 -2.09 40.06 26.22
CA PRO C 42 -1.61 41.37 25.75
C PRO C 42 -0.09 41.38 25.51
N GLU C 43 0.33 42.16 24.51
CA GLU C 43 1.73 42.29 24.13
C GLU C 43 2.59 42.79 25.29
N SER C 44 2.01 43.70 26.07
CA SER C 44 2.65 44.28 27.24
C SER C 44 3.10 43.26 28.31
N GLN C 45 2.47 42.08 28.31
CA GLN C 45 2.84 41.02 29.24
C GLN C 45 4.11 40.27 28.77
N ALA C 46 5.11 40.21 29.64
CA ALA C 46 6.35 39.46 29.39
C ALA C 46 6.10 37.95 29.47
N THR C 47 6.68 37.20 28.53
CA THR C 47 6.43 35.76 28.44
C THR C 47 7.57 34.95 27.81
N LYS C 48 7.50 33.64 27.95
CA LYS C 48 8.40 32.72 27.29
C LYS C 48 7.70 32.11 26.07
N TYR C 49 6.36 32.07 26.12
CA TYR C 49 5.56 31.37 25.13
C TYR C 49 4.99 32.23 23.99
N PHE C 50 5.27 31.81 22.76
CA PHE C 50 4.70 32.44 21.56
C PHE C 50 4.11 31.38 20.63
N ASP C 51 3.07 31.74 19.88
CA ASP C 51 2.54 30.83 18.86
C ASP C 51 3.42 30.90 17.61
N ILE C 52 2.98 30.26 16.53
CA ILE C 52 3.82 30.19 15.32
C ILE C 52 3.88 31.52 14.55
N TYR C 53 2.87 32.36 14.73
CA TYR C 53 2.82 33.65 14.04
C TYR C 53 3.54 34.74 14.81
N GLY C 54 3.99 34.41 16.02
CA GLY C 54 4.79 35.31 16.83
C GLY C 54 4.05 35.98 17.97
N LYS C 55 2.72 35.99 17.88
CA LYS C 55 1.86 36.63 18.89
C LYS C 55 1.90 35.89 20.25
N PRO C 56 2.10 36.64 21.35
CA PRO C 56 2.42 36.09 22.68
C PRO C 56 1.27 35.38 23.41
N CYS C 57 1.59 34.29 24.10
CA CYS C 57 0.61 33.50 24.84
C CYS C 57 0.93 33.38 26.32
N THR C 58 -0.09 33.06 27.11
CA THR C 58 0.10 32.72 28.52
C THR C 58 -0.33 31.28 28.75
N ARG C 59 0.46 30.55 29.52
CA ARG C 59 0.16 29.16 29.82
C ARG C 59 -0.89 29.08 30.92
N LYS C 60 -1.78 28.09 30.81
CA LYS C 60 -2.74 27.84 31.85
C LYS C 60 -2.59 26.40 32.34
N LEU C 61 -2.29 26.24 33.61
CA LEU C 61 -2.17 24.92 34.22
C LEU C 61 -3.53 24.48 34.73
N PHE C 62 -3.85 23.21 34.57
CA PHE C 62 -5.15 22.69 34.96
C PHE C 62 -5.03 21.59 36.01
N ALA C 63 -5.98 21.57 36.94
CA ALA C 63 -6.06 20.53 37.96
C ALA C 63 -6.11 19.13 37.35
N ASN C 64 -6.89 18.99 36.29
CA ASN C 64 -7.06 17.73 35.55
C ASN C 64 -7.56 17.95 34.12
N MET C 65 -7.50 16.89 33.31
CA MET C 65 -7.88 16.91 31.90
C MET C 65 -9.35 17.26 31.68
N ARG C 66 -10.19 16.90 32.64
CA ARG C 66 -11.62 17.19 32.58
C ARG C 66 -11.91 18.70 32.67
N ASP C 67 -11.17 19.42 33.52
CA ASP C 67 -11.28 20.88 33.59
C ASP C 67 -10.68 21.52 32.35
N ALA C 68 -9.64 20.88 31.81
CA ALA C 68 -8.94 21.34 30.62
C ALA C 68 -9.81 21.33 29.36
N SER C 69 -10.69 20.33 29.26
CA SER C 69 -11.61 20.20 28.13
C SER C 69 -12.78 21.16 28.27
N GLN C 70 -13.20 21.38 29.50
CA GLN C 70 -14.27 22.31 29.83
C GLN C 70 -13.88 23.70 29.39
N TRP C 71 -12.65 24.08 29.71
CA TRP C 71 -12.11 25.38 29.34
C TRP C 71 -12.12 25.62 27.84
N ILE C 72 -11.72 24.61 27.06
CA ILE C 72 -11.66 24.69 25.59
C ILE C 72 -13.02 25.05 25.01
N LYS C 73 -14.06 24.32 25.41
CA LYS C 73 -15.41 24.54 24.89
C LYS C 73 -15.96 25.90 25.33
N ARG C 74 -15.59 26.30 26.55
CA ARG C 74 -15.93 27.60 27.10
C ARG C 74 -15.24 28.72 26.31
N MET C 75 -14.07 28.44 25.76
CA MET C 75 -13.32 29.42 24.97
C MET C 75 -13.93 29.63 23.60
N GLU C 76 -14.63 28.61 23.10
CA GLU C 76 -15.32 28.69 21.82
C GLU C 76 -16.77 29.14 21.95
N ASP C 77 -17.36 28.90 23.12
CA ASP C 77 -18.67 29.45 23.47
C ASP C 77 -18.64 30.99 23.54
N ILE C 78 -17.43 31.55 23.66
CA ILE C 78 -17.20 33.00 23.74
C ILE C 78 -16.64 33.53 22.42
N GLY C 79 -15.85 32.70 21.74
CA GLY C 79 -15.25 33.07 20.44
C GLY C 79 -13.78 33.43 20.46
N LEU C 80 -13.03 32.91 21.42
CA LEU C 80 -11.58 33.14 21.52
C LEU C 80 -10.78 31.84 21.36
N GLU C 81 -9.65 31.95 20.67
CA GLU C 81 -8.83 30.79 20.32
C GLU C 81 -8.26 30.06 21.53
N ALA C 82 -8.53 28.76 21.61
CA ALA C 82 -7.95 27.91 22.64
C ALA C 82 -6.74 27.15 22.08
N LEU C 83 -5.54 27.63 22.37
CA LEU C 83 -4.31 27.09 21.78
C LEU C 83 -3.70 25.95 22.59
N GLY C 84 -2.87 25.15 21.94
CA GLY C 84 -2.21 24.03 22.59
C GLY C 84 -2.66 22.68 22.07
N MET C 85 -2.10 21.62 22.67
CA MET C 85 -2.35 20.25 22.25
C MET C 85 -3.57 19.67 22.96
N ASP C 86 -4.70 19.61 22.25
CA ASP C 86 -5.97 19.15 22.80
C ASP C 86 -6.02 17.65 23.08
N ASP C 87 -5.22 16.88 22.35
CA ASP C 87 -5.06 15.46 22.62
C ASP C 87 -4.05 15.30 23.74
N PHE C 88 -4.54 15.11 24.96
CA PHE C 88 -3.66 15.10 26.12
C PHE C 88 -2.73 13.88 26.17
N LYS C 89 -3.17 12.77 25.56
CA LYS C 89 -2.30 11.58 25.41
C LYS C 89 -0.97 11.96 24.80
N LEU C 90 -1.02 12.67 23.67
CA LEU C 90 0.17 13.12 22.95
C LEU C 90 1.05 14.08 23.74
N ALA C 91 0.42 14.93 24.54
CA ALA C 91 1.12 15.93 25.35
C ALA C 91 1.83 15.24 26.50
N TYR C 92 1.13 14.32 27.14
CA TYR C 92 1.67 13.48 28.20
C TYR C 92 2.91 12.71 27.75
N LEU C 93 2.85 12.12 26.56
CA LEU C 93 3.99 11.40 26.00
C LEU C 93 5.14 12.38 25.78
N SER C 94 4.82 13.54 25.21
CA SER C 94 5.82 14.56 24.91
C SER C 94 6.53 15.09 26.17
N ASP C 95 5.77 15.16 27.27
CA ASP C 95 6.31 15.57 28.57
C ASP C 95 7.22 14.51 29.18
N THR C 96 6.74 13.27 29.24
CA THR C 96 7.47 12.15 29.84
C THR C 96 8.75 11.80 29.06
N TYR C 97 8.61 11.74 27.74
CA TYR C 97 9.72 11.35 26.88
C TYR C 97 10.16 12.54 26.06
N ASN C 98 10.76 13.54 26.72
CA ASN C 98 11.27 14.74 26.04
C ASN C 98 12.68 14.54 25.45
N TYR C 99 12.81 13.46 24.66
CA TYR C 99 14.04 13.11 23.94
C TYR C 99 13.69 12.18 22.77
N GLU C 100 14.67 11.88 21.92
CA GLU C 100 14.46 10.99 20.77
C GLU C 100 14.44 9.53 21.21
N ILE C 101 13.35 8.82 20.89
CA ILE C 101 13.12 7.46 21.37
C ILE C 101 13.93 6.39 20.63
N LYS C 102 14.75 5.65 21.39
CA LYS C 102 15.33 4.39 20.95
C LYS C 102 14.63 3.28 21.70
N TYR C 103 14.28 2.20 21.00
CA TYR C 103 13.48 1.14 21.61
C TYR C 103 14.04 -0.25 21.28
N ASP C 104 13.77 -1.20 22.16
CA ASP C 104 14.17 -2.58 21.96
C ASP C 104 12.96 -3.46 21.70
N HIS C 105 12.86 -3.95 20.46
CA HIS C 105 11.71 -4.75 20.04
C HIS C 105 11.58 -6.07 20.80
N THR C 106 12.71 -6.64 21.20
CA THR C 106 12.73 -7.89 21.97
C THR C 106 11.92 -7.74 23.25
N LYS C 107 11.71 -6.49 23.69
CA LYS C 107 10.96 -6.22 24.89
C LYS C 107 9.47 -6.10 24.64
N ILE C 108 9.10 -5.72 23.41
CA ILE C 108 7.70 -5.52 23.05
C ILE C 108 7.03 -6.86 22.75
N ARG C 109 5.96 -7.16 23.50
CA ARG C 109 5.20 -8.40 23.31
C ARG C 109 4.19 -8.24 22.19
N VAL C 110 4.52 -8.83 21.05
CA VAL C 110 3.68 -8.84 19.87
C VAL C 110 2.99 -10.20 19.81
N ALA C 111 1.67 -10.19 19.73
CA ALA C 111 0.93 -11.45 19.69
C ALA C 111 0.17 -11.64 18.38
N ASN C 112 0.32 -12.82 17.80
CA ASN C 112 -0.37 -13.22 16.59
C ASN C 112 -1.29 -14.39 16.91
N PHE C 113 -2.59 -14.22 16.68
CA PHE C 113 -3.53 -15.30 16.97
C PHE C 113 -4.65 -15.49 15.93
N ASP C 114 -5.30 -16.65 16.01
CA ASP C 114 -6.44 -16.98 15.17
C ASP C 114 -7.28 -18.02 15.88
N ILE C 115 -8.59 -17.94 15.71
CA ILE C 115 -9.47 -18.90 16.34
C ILE C 115 -10.26 -19.70 15.31
N GLU C 116 -10.83 -20.81 15.76
CA GLU C 116 -11.69 -21.60 14.90
C GLU C 116 -13.04 -21.76 15.58
N VAL C 117 -14.07 -21.78 14.75
CA VAL C 117 -15.46 -21.95 15.19
C VAL C 117 -16.19 -22.85 14.18
N THR C 118 -16.60 -24.04 14.62
CA THR C 118 -17.44 -24.92 13.80
C THR C 118 -18.85 -24.33 13.72
N SER C 119 -19.41 -24.32 12.52
CA SER C 119 -20.68 -23.65 12.26
C SER C 119 -21.45 -24.30 11.08
N PRO C 120 -22.42 -25.17 11.40
CA PRO C 120 -23.14 -25.97 10.39
C PRO C 120 -24.29 -25.24 9.70
N ASP C 121 -24.52 -23.98 10.07
CA ASP C 121 -25.67 -23.21 9.59
C ASP C 121 -25.26 -21.86 8.97
N GLY C 122 -24.05 -21.80 8.41
CA GLY C 122 -23.51 -20.58 7.81
C GLY C 122 -22.40 -19.97 8.64
N PHE C 123 -21.90 -18.82 8.21
CA PHE C 123 -20.81 -18.13 8.88
C PHE C 123 -21.26 -17.59 10.24
N PRO C 124 -20.50 -17.91 11.32
CA PRO C 124 -20.81 -17.50 12.69
C PRO C 124 -20.57 -16.01 12.97
N GLU C 125 -21.64 -15.25 13.19
CA GLU C 125 -21.53 -13.81 13.41
C GLU C 125 -20.98 -13.48 14.79
N PRO C 126 -19.90 -12.66 14.85
CA PRO C 126 -19.28 -12.23 16.10
C PRO C 126 -20.24 -11.54 17.08
N SER C 127 -21.24 -10.84 16.55
CA SER C 127 -22.27 -10.19 17.36
C SER C 127 -22.96 -11.16 18.30
N GLN C 128 -23.56 -12.20 17.73
CA GLN C 128 -24.19 -13.25 18.52
C GLN C 128 -23.17 -14.05 19.32
N ALA C 129 -22.19 -14.61 18.60
CA ALA C 129 -21.22 -15.58 19.13
C ALA C 129 -21.94 -16.75 19.80
N LYS C 130 -22.84 -17.37 19.04
CA LYS C 130 -23.69 -18.43 19.58
C LYS C 130 -23.05 -19.81 19.45
N HIS C 131 -22.09 -19.93 18.56
CA HIS C 131 -21.37 -21.19 18.37
C HIS C 131 -20.03 -21.23 19.13
N PRO C 132 -19.62 -22.43 19.60
CA PRO C 132 -18.47 -22.56 20.48
C PRO C 132 -17.10 -22.47 19.80
N ILE C 133 -16.14 -21.89 20.52
CA ILE C 133 -14.74 -21.77 20.07
C ILE C 133 -13.99 -23.07 20.38
N ASP C 134 -13.63 -23.80 19.34
CA ASP C 134 -13.05 -25.13 19.50
C ASP C 134 -11.53 -25.19 19.34
N ALA C 135 -10.94 -24.06 18.91
CA ALA C 135 -9.49 -23.95 18.77
C ALA C 135 -8.99 -22.50 18.74
N ILE C 136 -7.84 -22.27 19.36
CA ILE C 136 -7.10 -21.02 19.25
C ILE C 136 -5.57 -21.26 19.28
N THR C 137 -4.87 -20.71 18.30
CA THR C 137 -3.40 -20.68 18.30
C THR C 137 -2.92 -19.25 18.55
N HIS C 138 -1.94 -19.09 19.43
CA HIS C 138 -1.52 -17.77 19.89
C HIS C 138 0.00 -17.66 19.94
N TYR C 139 0.58 -16.97 18.98
CA TYR C 139 2.03 -16.81 18.96
C TYR C 139 2.46 -15.66 19.87
N ASP C 140 3.45 -15.92 20.72
CA ASP C 140 4.00 -14.90 21.62
C ASP C 140 5.39 -14.45 21.18
N SER C 141 5.54 -13.14 21.01
CA SER C 141 6.79 -12.56 20.52
C SER C 141 7.99 -12.86 21.40
N ILE C 142 7.82 -12.83 22.72
CA ILE C 142 8.94 -12.98 23.64
C ILE C 142 9.28 -14.44 23.95
N ASP C 143 8.26 -15.24 24.29
CA ASP C 143 8.45 -16.68 24.48
C ASP C 143 8.90 -17.38 23.21
N ASP C 144 8.49 -16.81 22.06
CA ASP C 144 8.68 -17.43 20.75
C ASP C 144 8.03 -18.83 20.72
N ARG C 145 6.81 -18.91 21.25
CA ARG C 145 6.06 -20.16 21.24
C ARG C 145 4.66 -20.00 20.66
N PHE C 146 4.19 -21.06 20.02
CA PHE C 146 2.84 -21.13 19.48
C PHE C 146 1.97 -21.84 20.50
N TYR C 147 1.12 -21.08 21.18
CA TYR C 147 0.23 -21.65 22.18
C TYR C 147 -1.07 -22.16 21.55
N VAL C 148 -1.25 -23.47 21.59
CA VAL C 148 -2.42 -24.09 20.98
C VAL C 148 -3.44 -24.50 22.05
N PHE C 149 -4.70 -24.17 21.79
CA PHE C 149 -5.77 -24.42 22.74
C PHE C 149 -6.83 -25.26 22.03
N ASP C 150 -6.77 -26.57 22.20
CA ASP C 150 -7.71 -27.48 21.53
C ASP C 150 -8.93 -27.71 22.40
N LEU C 151 -10.06 -28.07 21.78
CA LEU C 151 -11.27 -28.51 22.49
C LEU C 151 -11.71 -29.87 21.98
N LEU C 152 -11.83 -30.85 22.87
CA LEU C 152 -12.12 -32.23 22.45
C LEU C 152 -13.61 -32.57 22.38
N ASN C 153 -14.41 -31.96 23.26
CA ASN C 153 -15.86 -32.19 23.30
C ASN C 153 -16.67 -30.96 22.94
N SER C 154 -17.62 -31.12 22.03
CA SER C 154 -18.46 -30.03 21.56
C SER C 154 -19.79 -30.58 21.03
N PRO C 155 -20.88 -29.82 21.20
CA PRO C 155 -22.19 -30.28 20.73
C PRO C 155 -22.17 -30.76 19.27
N TYR C 156 -21.13 -30.37 18.54
CA TYR C 156 -20.93 -30.83 17.16
C TYR C 156 -19.90 -31.97 17.09
N GLY C 157 -19.88 -32.82 18.11
CA GLY C 157 -19.05 -34.04 18.10
C GLY C 157 -17.89 -34.04 19.07
N ASN C 158 -17.32 -35.22 19.28
CA ASN C 158 -16.17 -35.40 20.18
C ASN C 158 -15.01 -36.10 19.50
N VAL C 159 -13.80 -35.61 19.78
CA VAL C 159 -12.61 -36.00 19.02
C VAL C 159 -11.41 -36.25 19.91
N GLU C 160 -10.58 -37.21 19.53
CA GLU C 160 -9.33 -37.52 20.25
C GLU C 160 -8.30 -36.41 20.03
N GLU C 161 -7.30 -36.37 20.90
CA GLU C 161 -6.26 -35.34 20.89
C GLU C 161 -5.48 -35.23 19.58
N TRP C 162 -4.82 -34.10 19.39
CA TRP C 162 -4.04 -33.81 18.19
C TRP C 162 -2.61 -34.30 18.37
N SER C 163 -2.08 -34.95 17.34
CA SER C 163 -0.73 -35.52 17.41
C SER C 163 0.33 -34.63 16.77
N ILE C 164 1.33 -34.27 17.57
CA ILE C 164 2.46 -33.49 17.10
C ILE C 164 3.38 -34.33 16.19
N GLU C 165 3.44 -35.63 16.42
CA GLU C 165 4.27 -36.49 15.58
C GLU C 165 3.66 -36.69 14.19
N ILE C 166 2.33 -36.72 14.12
CA ILE C 166 1.66 -36.83 12.83
C ILE C 166 1.65 -35.50 12.06
N ALA C 167 1.46 -34.38 12.76
CA ALA C 167 1.45 -33.06 12.12
C ALA C 167 2.76 -32.76 11.39
N ALA C 168 3.86 -33.28 11.93
CA ALA C 168 5.21 -33.05 11.40
C ALA C 168 5.51 -33.84 10.12
N LYS C 169 4.80 -34.95 9.91
CA LYS C 169 4.99 -35.76 8.70
C LYS C 169 4.50 -35.01 7.46
N LEU C 170 5.05 -35.38 6.30
CA LEU C 170 4.57 -34.85 5.03
C LEU C 170 3.11 -35.24 4.80
N GLN C 171 2.38 -34.41 4.07
CA GLN C 171 1.00 -34.72 3.72
C GLN C 171 0.91 -35.95 2.83
N GLU C 172 2.03 -36.31 2.21
CA GLU C 172 2.15 -37.50 1.38
C GLU C 172 2.24 -38.77 2.22
N GLN C 173 2.61 -38.62 3.49
CA GLN C 173 2.57 -39.72 4.46
C GLN C 173 1.31 -39.70 5.32
N GLY C 174 0.31 -38.92 4.89
CA GLY C 174 -0.91 -38.77 5.67
C GLY C 174 -0.75 -37.84 6.85
N GLY C 175 0.32 -37.04 6.84
CA GLY C 175 0.57 -36.01 7.86
C GLY C 175 0.01 -34.65 7.47
N ASP C 176 0.44 -33.60 8.17
CA ASP C 176 -0.09 -32.25 7.94
C ASP C 176 0.92 -31.27 7.35
N GLU C 177 2.21 -31.55 7.56
CA GLU C 177 3.33 -30.77 7.01
C GLU C 177 3.56 -29.43 7.73
N VAL C 178 3.16 -29.39 9.00
CA VAL C 178 3.54 -28.30 9.89
C VAL C 178 5.07 -28.20 9.84
N PRO C 179 5.58 -27.02 9.46
CA PRO C 179 7.01 -26.86 9.17
C PRO C 179 7.90 -27.17 10.37
N SER C 180 9.07 -27.71 10.07
CA SER C 180 10.04 -28.14 11.09
C SER C 180 10.51 -27.02 12.00
N GLU C 181 10.59 -25.81 11.44
CA GLU C 181 11.11 -24.63 12.12
C GLU C 181 10.30 -24.27 13.37
N ILE C 182 9.08 -24.80 13.45
CA ILE C 182 8.16 -24.45 14.53
C ILE C 182 7.66 -25.65 15.33
N ILE C 183 7.94 -26.86 14.84
CA ILE C 183 7.49 -28.10 15.50
C ILE C 183 7.93 -28.18 16.95
N ASP C 184 9.12 -27.67 17.24
CA ASP C 184 9.62 -27.60 18.61
C ASP C 184 9.16 -26.37 19.39
N LYS C 185 8.34 -25.52 18.75
CA LYS C 185 7.89 -24.29 19.38
C LYS C 185 6.41 -24.31 19.73
N ILE C 186 5.71 -25.37 19.33
CA ILE C 186 4.30 -25.57 19.68
C ILE C 186 4.15 -26.03 21.13
N ILE C 187 3.19 -25.44 21.84
CA ILE C 187 2.81 -25.90 23.17
C ILE C 187 1.34 -26.30 23.13
N TYR C 188 1.07 -27.60 23.21
CA TYR C 188 -0.29 -28.12 23.00
C TYR C 188 -1.10 -28.30 24.28
N MET C 189 -2.37 -27.88 24.25
CA MET C 189 -3.22 -27.93 25.43
C MET C 189 -4.65 -28.33 25.09
N PRO C 190 -4.98 -29.62 25.29
CA PRO C 190 -6.34 -30.14 25.04
C PRO C 190 -7.28 -29.80 26.18
N PHE C 191 -8.55 -29.57 25.85
CA PHE C 191 -9.57 -29.19 26.84
C PHE C 191 -10.84 -29.99 26.61
N ASP C 192 -11.50 -30.36 27.71
CA ASP C 192 -12.65 -31.25 27.63
C ASP C 192 -13.99 -30.54 27.71
N ASN C 193 -13.98 -29.29 28.18
CA ASN C 193 -15.14 -28.38 28.05
C ASN C 193 -14.74 -26.94 27.64
N GLU C 194 -15.64 -26.25 26.92
CA GLU C 194 -15.36 -24.90 26.39
C GLU C 194 -15.08 -23.88 27.49
N LYS C 195 -15.91 -23.89 28.54
CA LYS C 195 -15.69 -23.04 29.72
C LYS C 195 -14.26 -23.21 30.25
N GLU C 196 -13.84 -24.47 30.36
CA GLU C 196 -12.50 -24.80 30.83
C GLU C 196 -11.46 -24.15 29.92
N LEU C 197 -11.70 -24.28 28.62
CA LEU C 197 -10.81 -23.74 27.59
C LEU C 197 -10.69 -22.22 27.64
N LEU C 198 -11.82 -21.52 27.54
CA LEU C 198 -11.83 -20.07 27.54
C LEU C 198 -11.31 -19.50 28.86
N MET C 199 -11.63 -20.18 29.96
CA MET C 199 -11.16 -19.77 31.28
C MET C 199 -9.63 -19.76 31.35
N GLU C 200 -9.00 -20.75 30.74
CA GLU C 200 -7.54 -20.86 30.71
C GLU C 200 -6.89 -19.80 29.83
N TYR C 201 -7.54 -19.48 28.71
CA TYR C 201 -7.03 -18.48 27.79
C TYR C 201 -6.82 -17.12 28.47
N LEU C 202 -7.75 -16.77 29.35
CA LEU C 202 -7.72 -15.45 30.00
C LEU C 202 -6.64 -15.30 31.06
N ASN C 203 -6.41 -16.37 31.81
CA ASN C 203 -5.32 -16.40 32.80
C ASN C 203 -4.01 -16.30 32.07
N PHE C 204 -3.94 -17.02 30.95
CA PHE C 204 -2.84 -16.95 30.01
C PHE C 204 -2.66 -15.51 29.51
N TRP C 205 -3.75 -14.96 29.01
CA TRP C 205 -3.79 -13.58 28.56
C TRP C 205 -3.30 -12.62 29.64
N GLN C 206 -3.56 -12.94 30.90
CA GLN C 206 -3.23 -12.06 32.00
C GLN C 206 -1.72 -12.00 32.29
N GLN C 207 -1.07 -13.16 32.19
CA GLN C 207 0.35 -13.25 32.49
C GLN C 207 1.20 -12.89 31.28
N LYS C 208 0.61 -12.96 30.09
CA LYS C 208 1.30 -12.56 28.87
C LYS C 208 0.40 -11.65 28.04
N THR C 209 0.29 -10.40 28.48
CA THR C 209 -0.61 -9.46 27.84
C THR C 209 0.08 -8.80 26.64
N PRO C 210 -0.55 -8.93 25.45
CA PRO C 210 0.01 -8.35 24.24
C PRO C 210 0.05 -6.83 24.25
N VAL C 211 1.17 -6.26 23.81
CA VAL C 211 1.27 -4.83 23.54
C VAL C 211 0.73 -4.60 22.12
N ILE C 212 1.33 -5.29 21.16
CA ILE C 212 0.89 -5.24 19.77
C ILE C 212 0.12 -6.52 19.44
N LEU C 213 -1.15 -6.36 19.12
CA LEU C 213 -2.01 -7.49 18.81
C LEU C 213 -2.29 -7.54 17.32
N THR C 214 -1.74 -8.53 16.64
CA THR C 214 -1.94 -8.71 15.19
C THR C 214 -2.62 -10.04 14.83
N GLY C 215 -2.67 -10.34 13.54
CA GLY C 215 -3.29 -11.56 13.03
C GLY C 215 -4.08 -11.25 11.78
N TRP C 216 -4.59 -12.29 11.14
CA TRP C 216 -5.34 -12.10 9.91
C TRP C 216 -6.82 -11.92 10.18
N ASN C 217 -7.32 -10.70 9.95
CA ASN C 217 -8.74 -10.38 10.08
C ASN C 217 -9.25 -10.35 11.54
N VAL C 218 -8.35 -10.04 12.46
CA VAL C 218 -8.63 -10.09 13.90
C VAL C 218 -9.56 -8.98 14.38
N GLU C 219 -9.49 -7.83 13.73
CA GLU C 219 -10.37 -6.71 14.04
C GLU C 219 -11.84 -7.01 13.73
N SER C 220 -12.08 -7.74 12.66
CA SER C 220 -13.44 -8.02 12.22
C SER C 220 -14.02 -9.34 12.71
N PHE C 221 -13.18 -10.25 13.20
CA PHE C 221 -13.66 -11.57 13.62
C PHE C 221 -13.14 -12.05 14.99
N ALA C 222 -11.87 -12.44 15.03
CA ALA C 222 -11.32 -13.11 16.21
C ALA C 222 -11.57 -12.35 17.50
N ILE C 223 -11.23 -11.06 17.50
CA ILE C 223 -11.36 -10.23 18.69
C ILE C 223 -12.83 -10.13 19.13
N PRO C 224 -13.72 -9.63 18.23
CA PRO C 224 -15.13 -9.54 18.58
C PRO C 224 -15.71 -10.87 19.08
N TYR C 225 -15.36 -11.97 18.43
CA TYR C 225 -15.94 -13.26 18.77
C TYR C 225 -15.45 -13.82 20.11
N VAL C 226 -14.17 -13.70 20.42
CA VAL C 226 -13.70 -14.17 21.72
C VAL C 226 -14.21 -13.26 22.83
N TYR C 227 -14.48 -12.01 22.50
CA TYR C 227 -15.00 -11.07 23.47
C TYR C 227 -16.47 -11.37 23.73
N ASN C 228 -17.24 -11.54 22.66
CA ASN C 228 -18.67 -11.79 22.76
C ASN C 228 -19.03 -13.19 23.25
N ARG C 229 -18.25 -14.19 22.82
CA ARG C 229 -18.46 -15.55 23.30
C ARG C 229 -18.30 -15.61 24.81
N ILE C 230 -17.24 -14.98 25.31
CA ILE C 230 -17.00 -14.93 26.76
C ILE C 230 -18.11 -14.17 27.46
N LYS C 231 -18.53 -13.06 26.86
CA LYS C 231 -19.63 -12.25 27.36
C LYS C 231 -20.89 -13.08 27.56
N ASN C 232 -21.29 -13.82 26.54
CA ASN C 232 -22.48 -14.68 26.63
C ASN C 232 -22.40 -15.78 27.70
N ILE C 233 -21.20 -16.29 27.93
CA ILE C 233 -21.00 -17.39 28.87
C ILE C 233 -20.70 -16.90 30.28
N PHE C 234 -19.74 -15.99 30.41
CA PHE C 234 -19.22 -15.56 31.72
C PHE C 234 -19.68 -14.17 32.14
N GLY C 235 -20.43 -13.48 31.29
CA GLY C 235 -20.86 -12.11 31.58
C GLY C 235 -19.88 -11.05 31.09
N GLU C 236 -20.38 -9.83 30.89
CA GLU C 236 -19.58 -8.75 30.31
C GLU C 236 -18.35 -8.40 31.15
N SER C 237 -18.45 -8.61 32.46
CA SER C 237 -17.40 -8.21 33.39
C SER C 237 -16.12 -9.00 33.18
N THR C 238 -16.26 -10.32 33.03
CA THR C 238 -15.12 -11.23 32.86
C THR C 238 -14.40 -10.99 31.53
N ALA C 239 -15.17 -10.62 30.50
CA ALA C 239 -14.64 -10.30 29.18
C ALA C 239 -13.66 -9.12 29.22
N LYS C 240 -13.99 -8.10 30.00
CA LYS C 240 -13.12 -6.94 30.15
C LYS C 240 -11.71 -7.31 30.60
N ARG C 241 -11.49 -8.56 30.98
CA ARG C 241 -10.16 -9.00 31.39
C ARG C 241 -9.20 -9.05 30.20
N LEU C 242 -9.77 -9.01 28.99
CA LEU C 242 -8.97 -8.85 27.77
C LEU C 242 -8.23 -7.52 27.70
N SER C 243 -8.74 -6.51 28.40
CA SER C 243 -8.11 -5.18 28.47
C SER C 243 -7.31 -5.03 29.77
N PRO C 244 -5.99 -4.78 29.67
CA PRO C 244 -5.16 -4.61 30.86
C PRO C 244 -5.75 -3.64 31.90
N HIS C 245 -6.54 -2.67 31.45
CA HIS C 245 -7.17 -1.71 32.37
C HIS C 245 -8.67 -1.93 32.49
N ARG C 246 -9.13 -3.09 32.04
CA ARG C 246 -10.53 -3.52 32.18
C ARG C 246 -11.57 -2.57 31.57
N LYS C 247 -11.16 -1.75 30.61
CA LYS C 247 -12.10 -0.91 29.87
C LYS C 247 -12.13 -1.27 28.40
N THR C 248 -13.34 -1.46 27.89
CA THR C 248 -13.55 -1.79 26.49
C THR C 248 -14.69 -0.95 25.91
N ARG C 249 -14.56 -0.57 24.64
CA ARG C 249 -15.64 0.11 23.93
C ARG C 249 -16.16 -0.74 22.76
N VAL C 250 -17.48 -0.90 22.69
CA VAL C 250 -18.14 -1.69 21.64
C VAL C 250 -18.82 -0.78 20.61
N LYS C 251 -18.54 -1.02 19.33
CA LYS C 251 -19.05 -0.19 18.24
C LYS C 251 -19.83 -1.02 17.24
N VAL C 252 -21.13 -0.74 17.16
CA VAL C 252 -22.03 -1.49 16.28
C VAL C 252 -22.28 -0.73 14.96
N ILE C 253 -21.36 -0.91 14.01
CA ILE C 253 -21.47 -0.32 12.66
C ILE C 253 -22.34 -1.24 11.79
N GLU C 254 -23.56 -1.50 12.28
CA GLU C 254 -24.49 -2.45 11.68
C GLU C 254 -24.90 -2.11 10.24
N ASN C 255 -24.80 -3.11 9.37
CA ASN C 255 -25.16 -2.99 7.96
C ASN C 255 -26.67 -2.91 7.76
N MET C 256 -27.09 -2.64 6.53
CA MET C 256 -28.52 -2.67 6.16
C MET C 256 -29.09 -4.10 6.15
N TYR C 257 -28.20 -5.10 6.27
CA TYR C 257 -28.58 -6.51 6.40
C TYR C 257 -28.34 -7.00 7.84
N GLY C 258 -27.08 -7.31 8.15
CA GLY C 258 -26.70 -7.85 9.46
C GLY C 258 -26.00 -6.88 10.39
N SER C 259 -25.57 -7.41 11.54
CA SER C 259 -24.82 -6.63 12.53
C SER C 259 -23.30 -6.69 12.27
N ARG C 260 -22.59 -5.70 12.78
CA ARG C 260 -21.12 -5.66 12.67
C ARG C 260 -20.52 -5.00 13.90
N GLU C 261 -19.57 -5.70 14.53
CA GLU C 261 -19.00 -5.25 15.81
C GLU C 261 -17.53 -4.86 15.70
N ILE C 262 -17.18 -3.75 16.35
CA ILE C 262 -15.79 -3.35 16.52
C ILE C 262 -15.50 -3.06 17.99
N ILE C 263 -14.77 -3.97 18.62
CA ILE C 263 -14.37 -3.82 20.03
C ILE C 263 -13.04 -3.08 20.14
N THR C 264 -12.95 -2.18 21.12
CA THR C 264 -11.71 -1.45 21.38
C THR C 264 -11.17 -1.82 22.75
N LEU C 265 -10.09 -2.59 22.76
CA LEU C 265 -9.45 -3.02 24.02
C LEU C 265 -8.42 -2.00 24.49
N PHE C 266 -8.73 -1.30 25.58
CA PHE C 266 -7.85 -0.25 26.10
C PHE C 266 -6.55 -0.81 26.64
N GLY C 267 -5.45 -0.12 26.35
CA GLY C 267 -4.13 -0.57 26.79
C GLY C 267 -3.47 -1.54 25.82
N ILE C 268 -4.19 -1.93 24.77
CA ILE C 268 -3.62 -2.76 23.72
C ILE C 268 -3.68 -2.02 22.39
N SER C 269 -2.64 -2.18 21.58
CA SER C 269 -2.61 -1.58 20.25
C SER C 269 -2.83 -2.66 19.18
N VAL C 270 -4.04 -2.69 18.63
CA VAL C 270 -4.41 -3.67 17.60
C VAL C 270 -3.95 -3.21 16.23
N LEU C 271 -3.16 -4.05 15.56
CA LEU C 271 -2.74 -3.80 14.18
C LEU C 271 -3.07 -5.01 13.34
N ASP C 272 -4.30 -5.07 12.82
CA ASP C 272 -4.74 -6.15 11.94
C ASP C 272 -3.84 -6.22 10.69
N TYR C 273 -3.34 -7.41 10.36
CA TYR C 273 -2.37 -7.53 9.28
C TYR C 273 -3.03 -7.29 7.92
N ILE C 274 -4.33 -7.54 7.85
CA ILE C 274 -5.09 -7.22 6.66
C ILE C 274 -5.09 -5.70 6.42
N ASP C 275 -5.18 -4.92 7.49
CA ASP C 275 -5.13 -3.47 7.39
C ASP C 275 -3.73 -2.96 7.08
N LEU C 276 -2.72 -3.58 7.71
CA LEU C 276 -1.33 -3.22 7.47
C LEU C 276 -0.99 -3.47 6.02
N TYR C 277 -1.46 -4.61 5.51
CA TYR C 277 -1.21 -5.01 4.14
C TYR C 277 -1.87 -4.03 3.17
N LYS C 278 -3.16 -3.79 3.35
CA LYS C 278 -3.87 -2.82 2.51
C LYS C 278 -3.20 -1.44 2.50
N LYS C 279 -2.67 -1.02 3.64
CA LYS C 279 -2.07 0.31 3.74
C LYS C 279 -0.66 0.37 3.18
N PHE C 280 0.11 -0.70 3.36
CA PHE C 280 1.53 -0.66 3.05
C PHE C 280 2.03 -1.52 1.89
N SER C 281 1.19 -2.44 1.40
CA SER C 281 1.63 -3.37 0.36
C SER C 281 1.77 -2.72 -1.01
N PHE C 282 1.02 -1.63 -1.23
CA PHE C 282 0.90 -1.00 -2.56
C PHE C 282 0.49 -2.00 -3.64
N THR C 283 -0.50 -2.84 -3.31
CA THR C 283 -1.03 -3.84 -4.23
C THR C 283 -2.53 -4.04 -4.00
N ASN C 284 -3.34 -3.65 -4.97
CA ASN C 284 -4.76 -3.98 -4.93
C ASN C 284 -4.99 -5.45 -5.39
N GLN C 285 -5.61 -6.25 -4.53
CA GLN C 285 -5.75 -7.70 -4.77
C GLN C 285 -7.19 -8.11 -5.11
N PRO C 286 -7.37 -9.18 -5.90
CA PRO C 286 -8.73 -9.65 -6.22
C PRO C 286 -9.42 -10.32 -5.02
N SER C 287 -8.62 -10.88 -4.11
CA SER C 287 -9.12 -11.48 -2.88
C SER C 287 -8.21 -11.10 -1.71
N TYR C 288 -8.75 -11.05 -0.51
CA TYR C 288 -7.91 -10.86 0.66
C TYR C 288 -7.98 -12.02 1.66
N SER C 289 -8.25 -13.21 1.12
CA SER C 289 -8.18 -14.41 1.93
C SER C 289 -6.72 -14.78 2.13
N LEU C 290 -6.43 -15.29 3.32
CA LEU C 290 -5.07 -15.65 3.72
C LEU C 290 -4.39 -16.61 2.74
N ASP C 291 -5.15 -17.54 2.16
CA ASP C 291 -4.63 -18.48 1.14
C ASP C 291 -4.12 -17.74 -0.08
N TYR C 292 -4.87 -16.73 -0.51
CA TYR C 292 -4.51 -15.93 -1.69
C TYR C 292 -3.22 -15.11 -1.48
N ILE C 293 -3.15 -14.41 -0.35
CA ILE C 293 -2.00 -13.58 -0.03
C ILE C 293 -0.76 -14.44 0.18
N SER C 294 -0.95 -15.61 0.79
CA SER C 294 0.15 -16.55 1.00
C SER C 294 0.72 -17.03 -0.33
N GLU C 295 -0.17 -17.43 -1.24
CA GLU C 295 0.26 -17.88 -2.55
C GLU C 295 1.01 -16.77 -3.27
N PHE C 296 0.41 -15.58 -3.25
CA PHE C 296 1.00 -14.43 -3.92
C PHE C 296 2.35 -14.05 -3.33
N GLU C 297 2.44 -13.97 -2.01
CA GLU C 297 3.66 -13.49 -1.34
C GLU C 297 4.74 -14.56 -1.18
N LEU C 298 4.33 -15.80 -0.92
CA LEU C 298 5.29 -16.85 -0.51
C LEU C 298 5.47 -18.05 -1.46
N ASN C 299 4.58 -18.18 -2.44
CA ASN C 299 4.56 -19.34 -3.35
C ASN C 299 4.27 -20.65 -2.62
N VAL C 300 3.38 -20.59 -1.63
CA VAL C 300 3.02 -21.79 -0.91
C VAL C 300 1.56 -22.11 -1.19
N GLY C 301 1.32 -23.34 -1.65
CA GLY C 301 -0.02 -23.81 -2.00
C GLY C 301 -1.01 -23.75 -0.86
N LYS C 302 -2.29 -23.84 -1.21
CA LYS C 302 -3.38 -23.74 -0.22
C LYS C 302 -3.38 -24.90 0.75
N LEU C 303 -3.96 -24.67 1.93
CA LEU C 303 -4.12 -25.73 2.94
C LEU C 303 -5.30 -26.60 2.54
N LYS C 304 -5.01 -27.72 1.86
CA LYS C 304 -6.04 -28.57 1.25
C LYS C 304 -6.79 -29.42 2.27
N TYR C 305 -8.11 -29.49 2.12
CA TYR C 305 -8.95 -30.35 2.95
C TYR C 305 -10.18 -30.86 2.20
N ASP C 306 -10.67 -32.03 2.60
CA ASP C 306 -11.84 -32.62 1.98
C ASP C 306 -13.12 -32.15 2.66
N GLY C 307 -14.17 -31.98 1.86
CA GLY C 307 -15.49 -31.57 2.37
C GLY C 307 -15.56 -30.13 2.85
N PRO C 308 -16.74 -29.70 3.33
CA PRO C 308 -16.99 -28.36 3.88
C PRO C 308 -16.13 -28.05 5.09
N ILE C 309 -15.72 -26.78 5.21
CA ILE C 309 -14.91 -26.32 6.34
C ILE C 309 -15.59 -26.58 7.69
N SER C 310 -16.91 -26.40 7.72
CA SER C 310 -17.71 -26.60 8.94
C SER C 310 -17.47 -27.98 9.55
N LYS C 311 -17.49 -29.00 8.71
CA LYS C 311 -17.31 -30.38 9.17
C LYS C 311 -15.87 -30.89 9.12
N LEU C 312 -14.91 -29.98 8.92
CA LEU C 312 -13.51 -30.38 8.95
C LEU C 312 -13.09 -30.88 10.33
N ARG C 313 -13.65 -30.31 11.38
CA ARG C 313 -13.31 -30.76 12.73
C ARG C 313 -13.77 -32.20 12.97
N GLU C 314 -14.90 -32.56 12.39
CA GLU C 314 -15.47 -33.88 12.59
C GLU C 314 -14.74 -34.90 11.74
N SER C 315 -14.75 -34.67 10.44
CA SER C 315 -14.07 -35.52 9.47
C SER C 315 -12.62 -35.77 9.86
N ASN C 316 -11.89 -34.70 10.11
CA ASN C 316 -10.44 -34.76 10.28
C ASN C 316 -9.92 -33.73 11.26
N HIS C 317 -10.01 -34.04 12.55
CA HIS C 317 -9.61 -33.11 13.60
C HIS C 317 -8.12 -32.79 13.60
N GLN C 318 -7.32 -33.75 13.13
CA GLN C 318 -5.87 -33.58 13.04
C GLN C 318 -5.53 -32.42 12.11
N ARG C 319 -6.05 -32.49 10.88
CA ARG C 319 -5.87 -31.45 9.88
C ARG C 319 -6.36 -30.10 10.41
N TYR C 320 -7.57 -30.11 10.98
CA TYR C 320 -8.22 -28.94 11.56
C TYR C 320 -7.28 -28.14 12.47
N ILE C 321 -6.80 -28.78 13.52
CA ILE C 321 -5.90 -28.14 14.46
C ILE C 321 -4.62 -27.67 13.75
N SER C 322 -4.05 -28.55 12.92
CA SER C 322 -2.81 -28.24 12.19
C SER C 322 -2.95 -27.03 11.28
N TYR C 323 -4.09 -26.92 10.61
CA TYR C 323 -4.34 -25.79 9.74
C TYR C 323 -4.51 -24.49 10.52
N ASN C 324 -5.05 -24.59 11.73
CA ASN C 324 -5.11 -23.43 12.61
C ASN C 324 -3.71 -22.95 12.98
N ILE C 325 -2.82 -23.89 13.27
CA ILE C 325 -1.42 -23.57 13.57
C ILE C 325 -0.73 -22.88 12.38
N ILE C 326 -0.88 -23.46 11.20
CA ILE C 326 -0.21 -22.95 10.02
C ILE C 326 -0.71 -21.56 9.63
N ALA C 327 -2.00 -21.30 9.86
CA ALA C 327 -2.61 -20.00 9.53
C ALA C 327 -1.93 -18.87 10.29
N VAL C 328 -1.64 -19.10 11.56
CA VAL C 328 -0.95 -18.13 12.38
C VAL C 328 0.46 -17.95 11.86
N TYR C 329 1.07 -19.06 11.43
CA TYR C 329 2.45 -19.09 11.00
C TYR C 329 2.66 -18.30 9.72
N ARG C 330 1.72 -18.43 8.79
CA ARG C 330 1.80 -17.72 7.51
C ARG C 330 1.85 -16.21 7.64
N VAL C 331 1.04 -15.67 8.56
CA VAL C 331 1.09 -14.23 8.83
C VAL C 331 2.52 -13.84 9.24
N LEU C 332 3.14 -14.67 10.09
CA LEU C 332 4.53 -14.47 10.48
C LEU C 332 5.51 -14.50 9.30
N GLN C 333 5.31 -15.43 8.37
CA GLN C 333 6.16 -15.55 7.18
C GLN C 333 6.00 -14.36 6.22
N ILE C 334 4.78 -13.89 6.06
CA ILE C 334 4.52 -12.73 5.22
C ILE C 334 5.23 -11.51 5.83
N ASP C 335 5.08 -11.34 7.14
CA ASP C 335 5.67 -10.21 7.85
C ASP C 335 7.18 -10.25 7.85
N ALA C 336 7.74 -11.45 7.93
CA ALA C 336 9.18 -11.62 7.82
C ALA C 336 9.68 -11.06 6.50
N LYS C 337 8.83 -11.10 5.47
CA LYS C 337 9.17 -10.55 4.16
C LYS C 337 8.79 -9.07 4.00
N ARG C 338 7.61 -8.70 4.48
CA ARG C 338 7.10 -7.34 4.27
C ARG C 338 7.55 -6.29 5.30
N GLN C 339 7.86 -6.73 6.52
CA GLN C 339 8.39 -5.87 7.59
C GLN C 339 7.40 -4.79 8.06
N PHE C 340 6.11 -5.03 7.85
CA PHE C 340 5.08 -4.06 8.20
C PHE C 340 4.99 -3.74 9.70
N ILE C 341 5.24 -4.73 10.55
CA ILE C 341 5.18 -4.48 12.01
C ILE C 341 6.38 -3.65 12.45
N ASN C 342 7.57 -4.00 11.97
CA ASN C 342 8.77 -3.19 12.15
C ASN C 342 8.53 -1.74 11.65
N LEU C 343 8.06 -1.60 10.41
CA LEU C 343 7.72 -0.30 9.82
C LEU C 343 6.80 0.52 10.72
N SER C 344 5.78 -0.14 11.27
CA SER C 344 4.80 0.52 12.13
C SER C 344 5.44 0.98 13.42
N LEU C 345 6.41 0.22 13.91
CA LEU C 345 7.11 0.55 15.15
C LEU C 345 8.04 1.75 14.96
N ASP C 346 8.79 1.77 13.87
CA ASP C 346 9.66 2.90 13.58
C ASP C 346 8.89 4.21 13.55
N MET C 347 7.80 4.26 12.77
CA MET C 347 7.04 5.47 12.58
C MET C 347 6.36 5.95 13.86
N GLY C 348 5.75 5.01 14.56
CA GLY C 348 4.99 5.30 15.77
C GLY C 348 5.82 5.96 16.83
N TYR C 349 7.07 5.51 16.98
CA TYR C 349 7.94 6.06 17.98
C TYR C 349 8.61 7.33 17.49
N TYR C 350 8.87 7.40 16.19
CA TYR C 350 9.49 8.58 15.60
C TYR C 350 8.61 9.81 15.79
N ALA C 351 7.30 9.59 15.75
CA ALA C 351 6.34 10.66 15.85
C ALA C 351 5.79 10.80 17.27
N LYS C 352 6.12 9.84 18.14
CA LYS C 352 5.59 9.78 19.50
C LYS C 352 4.06 9.73 19.51
N ILE C 353 3.49 8.73 18.85
CA ILE C 353 2.05 8.53 18.79
C ILE C 353 1.70 7.13 19.29
N GLN C 354 0.42 6.88 19.56
CA GLN C 354 -0.03 5.53 19.79
C GLN C 354 0.26 4.75 18.50
N ILE C 355 0.89 3.59 18.63
CA ILE C 355 1.31 2.79 17.47
C ILE C 355 0.17 2.58 16.46
N GLN C 356 -1.03 2.30 16.94
CA GLN C 356 -2.19 2.12 16.05
C GLN C 356 -2.61 3.38 15.28
N SER C 357 -1.97 4.51 15.58
CA SER C 357 -2.23 5.74 14.84
C SER C 357 -1.35 5.88 13.59
N VAL C 358 -0.56 4.86 13.29
CA VAL C 358 0.24 4.87 12.06
C VAL C 358 -0.62 4.93 10.81
N PHE C 359 -1.88 4.49 10.92
CA PHE C 359 -2.84 4.50 9.80
C PHE C 359 -3.32 5.89 9.43
N SER C 360 -3.15 6.85 10.33
CA SER C 360 -3.58 8.23 10.11
C SER C 360 -2.41 9.16 9.84
N PRO C 361 -2.24 9.60 8.58
CA PRO C 361 -1.21 10.60 8.25
C PRO C 361 -1.45 11.95 8.93
N ILE C 362 -2.72 12.30 9.17
CA ILE C 362 -3.05 13.56 9.87
C ILE C 362 -2.52 13.56 11.31
N LYS C 363 -2.79 12.47 12.03
CA LYS C 363 -2.31 12.26 13.38
C LYS C 363 -0.78 12.22 13.48
N THR C 364 -0.16 11.43 12.61
CA THR C 364 1.29 11.28 12.60
C THR C 364 1.97 12.64 12.43
N TRP C 365 1.53 13.42 11.45
CA TRP C 365 2.15 14.70 11.21
C TRP C 365 1.84 15.71 12.29
N ASP C 366 0.59 15.69 12.78
CA ASP C 366 0.18 16.61 13.84
C ASP C 366 1.13 16.51 15.01
N ALA C 367 1.46 15.26 15.37
CA ALA C 367 2.39 14.98 16.45
C ALA C 367 3.80 15.43 16.11
N ILE C 368 4.33 14.96 14.98
CA ILE C 368 5.68 15.35 14.53
C ILE C 368 5.85 16.86 14.59
N ILE C 369 4.91 17.57 13.96
CA ILE C 369 4.91 19.03 13.95
C ILE C 369 4.77 19.57 15.36
N PHE C 370 3.82 19.03 16.13
CA PHE C 370 3.63 19.44 17.52
C PHE C 370 4.92 19.38 18.33
N ASN C 371 5.57 18.20 18.34
CA ASN C 371 6.82 18.01 19.08
C ASN C 371 7.91 18.93 18.61
N SER C 372 8.01 19.11 17.30
CA SER C 372 9.01 19.97 16.71
C SER C 372 8.87 21.41 17.22
N LEU C 373 7.64 21.89 17.34
CA LEU C 373 7.37 23.23 17.86
C LEU C 373 7.66 23.33 19.36
N LYS C 374 7.21 22.33 20.12
CA LYS C 374 7.35 22.34 21.57
C LYS C 374 8.79 22.60 22.03
N GLU C 375 9.75 22.01 21.33
CA GLU C 375 11.15 22.12 21.74
C GLU C 375 11.73 23.53 21.52
N GLN C 376 11.05 24.32 20.68
CA GLN C 376 11.39 25.73 20.51
C GLN C 376 10.46 26.64 21.34
N ASN C 377 9.80 26.05 22.33
CA ASN C 377 8.82 26.77 23.18
C ASN C 377 7.63 27.42 22.43
N LYS C 378 7.31 26.88 21.25
CA LYS C 378 6.22 27.41 20.41
C LYS C 378 4.84 26.81 20.71
N VAL C 379 3.80 27.56 20.41
CA VAL C 379 2.44 27.15 20.71
C VAL C 379 1.65 26.89 19.42
N ILE C 380 1.05 25.71 19.34
CA ILE C 380 0.32 25.26 18.17
C ILE C 380 -1.11 25.84 18.13
N PRO C 381 -1.61 26.16 16.91
CA PRO C 381 -2.94 26.77 16.74
C PRO C 381 -4.05 25.82 17.12
N GLN C 382 -5.27 26.33 17.25
CA GLN C 382 -6.45 25.50 17.49
C GLN C 382 -6.98 24.92 16.18
N GLY C 383 -7.45 23.69 16.22
CA GLY C 383 -8.00 23.02 15.04
C GLY C 383 -9.38 23.54 14.72
N ARG C 384 -9.44 24.45 13.73
CA ARG C 384 -10.70 25.03 13.26
C ARG C 384 -11.52 24.01 12.46
N SER C 385 -12.76 24.36 12.16
CA SER C 385 -13.56 23.58 11.23
C SER C 385 -13.58 24.33 9.91
N HIS C 386 -13.66 23.59 8.80
CA HIS C 386 -13.67 24.17 7.46
C HIS C 386 -14.63 23.45 6.53
N PRO C 387 -15.20 24.18 5.55
CA PRO C 387 -16.05 23.53 4.57
C PRO C 387 -15.21 22.81 3.51
N VAL C 388 -15.64 21.61 3.13
CA VAL C 388 -14.98 20.81 2.08
C VAL C 388 -15.04 21.56 0.73
N GLN C 389 -13.91 21.64 0.05
CA GLN C 389 -13.82 22.44 -1.16
C GLN C 389 -12.81 21.85 -2.15
N PRO C 390 -13.26 21.53 -3.37
CA PRO C 390 -12.38 21.02 -4.43
C PRO C 390 -11.33 22.06 -4.82
N TYR C 391 -10.11 21.60 -5.11
CA TYR C 391 -9.08 22.52 -5.56
C TYR C 391 -8.25 21.87 -6.65
N PRO C 392 -7.67 22.67 -7.56
CA PRO C 392 -6.82 22.19 -8.65
C PRO C 392 -5.57 21.43 -8.23
N GLY C 393 -5.22 20.43 -9.04
CA GLY C 393 -4.10 19.51 -8.77
C GLY C 393 -3.07 19.57 -9.87
N ALA C 394 -2.70 18.42 -10.42
CA ALA C 394 -1.57 18.33 -11.34
C ALA C 394 -1.91 18.60 -12.81
N PHE C 395 -0.87 18.68 -13.65
CA PHE C 395 -1.03 18.78 -15.10
C PHE C 395 -0.69 17.46 -15.78
N VAL C 396 -1.61 16.98 -16.60
CA VAL C 396 -1.43 15.75 -17.36
C VAL C 396 -1.51 16.04 -18.84
N LYS C 397 -0.46 15.70 -19.58
CA LYS C 397 -0.41 15.98 -21.02
C LYS C 397 -1.29 15.02 -21.84
N GLU C 398 -2.02 15.58 -22.81
CA GLU C 398 -2.81 14.78 -23.75
C GLU C 398 -1.89 14.25 -24.86
N PRO C 399 -1.62 12.95 -24.85
CA PRO C 399 -0.75 12.41 -25.89
C PRO C 399 -1.51 12.00 -27.15
N ILE C 400 -0.87 12.15 -28.31
CA ILE C 400 -1.40 11.66 -29.58
C ILE C 400 -1.28 10.14 -29.57
N PRO C 401 -2.43 9.43 -29.64
CA PRO C 401 -2.40 7.98 -29.60
C PRO C 401 -1.59 7.46 -30.79
N ASN C 402 -0.61 6.61 -30.51
CA ASN C 402 0.34 6.19 -31.53
C ASN C 402 1.32 5.16 -30.98
N ARG C 403 2.27 4.76 -31.82
CA ARG C 403 3.41 3.95 -31.39
C ARG C 403 4.64 4.85 -31.29
N TYR C 404 5.59 4.48 -30.44
CA TYR C 404 6.84 5.23 -30.29
C TYR C 404 7.98 4.24 -30.06
N LYS C 405 8.96 4.30 -30.97
CA LYS C 405 9.98 3.24 -31.08
C LYS C 405 11.04 3.33 -30.00
N TYR C 406 11.74 4.46 -29.92
CA TYR C 406 12.71 4.71 -28.87
C TYR C 406 12.21 5.84 -27.99
N VAL C 407 12.14 5.58 -26.68
CA VAL C 407 11.63 6.54 -25.73
C VAL C 407 12.57 6.59 -24.52
N MET C 408 12.72 7.79 -23.96
CA MET C 408 13.54 8.02 -22.77
C MET C 408 12.75 8.89 -21.78
N SER C 409 12.76 8.53 -20.49
CA SER C 409 11.95 9.27 -19.52
C SER C 409 12.68 9.82 -18.28
N PHE C 410 12.16 10.93 -17.77
CA PHE C 410 12.72 11.63 -16.60
C PHE C 410 11.63 11.96 -15.59
N ASP C 411 11.96 11.87 -14.29
CA ASP C 411 10.99 12.11 -13.24
C ASP C 411 11.59 12.90 -12.06
N LEU C 412 10.88 13.93 -11.61
CA LEU C 412 11.33 14.78 -10.50
C LEU C 412 11.28 14.06 -9.14
N THR C 413 12.38 14.18 -8.39
CA THR C 413 12.55 13.47 -7.12
C THR C 413 11.68 14.09 -6.04
N SER C 414 10.70 13.33 -5.55
CA SER C 414 9.73 13.86 -4.59
C SER C 414 9.35 15.29 -4.97
N LEU C 415 8.61 15.44 -6.06
CA LEU C 415 8.28 16.76 -6.56
C LEU C 415 7.63 17.61 -5.49
N TYR C 416 6.51 17.13 -4.94
CA TYR C 416 5.76 17.95 -4.01
C TYR C 416 6.52 18.35 -2.73
N PRO C 417 7.18 17.38 -2.06
CA PRO C 417 8.05 17.78 -0.94
C PRO C 417 9.18 18.76 -1.33
N SER C 418 9.75 18.60 -2.52
CA SER C 418 10.83 19.50 -2.95
C SER C 418 10.32 20.92 -3.17
N ILE C 419 9.14 21.05 -3.75
CA ILE C 419 8.46 22.33 -3.87
C ILE C 419 8.29 22.97 -2.47
N ILE C 420 7.85 22.17 -1.50
CA ILE C 420 7.71 22.67 -0.11
C ILE C 420 9.04 23.22 0.39
N ARG C 421 10.11 22.48 0.14
CA ARG C 421 11.44 22.90 0.54
C ARG C 421 11.95 24.08 -0.28
N GLN C 422 11.89 23.97 -1.61
CA GLN C 422 12.41 25.04 -2.47
C GLN C 422 11.75 26.37 -2.14
N VAL C 423 10.42 26.37 -2.06
CA VAL C 423 9.65 27.59 -1.91
C VAL C 423 9.49 27.99 -0.44
N ASN C 424 9.78 27.05 0.47
CA ASN C 424 9.69 27.27 1.93
C ASN C 424 8.24 27.45 2.40
N ILE C 425 7.37 26.56 1.94
CA ILE C 425 5.93 26.64 2.22
C ILE C 425 5.59 26.07 3.60
N SER C 426 5.14 26.94 4.51
CA SER C 426 4.83 26.56 5.87
C SER C 426 3.82 27.56 6.41
N PRO C 427 2.88 27.11 7.27
CA PRO C 427 1.84 27.94 7.89
C PRO C 427 2.31 29.29 8.43
N GLU C 428 3.51 29.33 9.04
CA GLU C 428 4.02 30.54 9.69
C GLU C 428 5.01 31.35 8.86
N THR C 429 5.36 30.86 7.66
CA THR C 429 6.32 31.57 6.82
C THR C 429 5.65 32.30 5.65
N ILE C 430 4.35 32.54 5.78
CA ILE C 430 3.60 33.28 4.76
C ILE C 430 3.96 34.76 4.83
N ALA C 431 4.56 35.28 3.75
CA ALA C 431 4.99 36.69 3.67
C ALA C 431 3.86 37.60 3.19
N GLY C 432 3.30 37.31 2.02
CA GLY C 432 2.19 38.09 1.50
C GLY C 432 1.59 37.45 0.26
N THR C 433 1.09 38.28 -0.65
CA THR C 433 0.62 37.81 -1.94
C THR C 433 1.11 38.75 -3.04
N PHE C 434 0.97 38.32 -4.28
CA PHE C 434 1.14 39.22 -5.42
C PHE C 434 -0.04 39.06 -6.38
N LYS C 435 -0.12 39.94 -7.39
CA LYS C 435 -1.19 39.82 -8.37
C LYS C 435 -0.75 38.85 -9.44
N VAL C 436 -1.61 37.87 -9.71
CA VAL C 436 -1.24 36.73 -10.53
C VAL C 436 -1.54 36.98 -12.02
N ALA C 437 -0.60 36.55 -12.86
CA ALA C 437 -0.80 36.47 -14.29
C ALA C 437 -1.32 35.07 -14.65
N PRO C 438 -1.94 34.91 -15.83
CA PRO C 438 -2.18 33.58 -16.38
C PRO C 438 -0.92 32.71 -16.36
N LEU C 439 -1.07 31.44 -15.97
CA LEU C 439 0.06 30.53 -15.75
C LEU C 439 0.97 30.32 -16.97
N HIS C 440 0.40 30.41 -18.17
CA HIS C 440 1.15 30.23 -19.43
C HIS C 440 2.25 31.28 -19.59
N ASP C 441 1.95 32.51 -19.14
CA ASP C 441 2.93 33.59 -19.11
C ASP C 441 4.16 33.21 -18.29
N TYR C 442 3.92 32.66 -17.11
CA TYR C 442 5.00 32.18 -16.25
C TYR C 442 5.76 31.02 -16.91
N ILE C 443 5.02 30.11 -17.53
CA ILE C 443 5.60 28.99 -18.27
C ILE C 443 6.47 29.50 -19.41
N ASN C 444 5.99 30.51 -20.12
CA ASN C 444 6.72 31.07 -21.26
C ASN C 444 7.69 32.19 -20.92
N ALA C 445 7.89 32.41 -19.62
CA ALA C 445 8.81 33.43 -19.09
C ALA C 445 8.43 34.86 -19.49
N VAL C 446 7.17 35.04 -19.87
CA VAL C 446 6.66 36.31 -20.38
C VAL C 446 6.27 37.28 -19.27
N ALA C 447 5.58 36.76 -18.25
CA ALA C 447 5.08 37.56 -17.13
C ALA C 447 6.21 38.28 -16.40
N GLU C 448 5.85 39.32 -15.65
CA GLU C 448 6.81 40.06 -14.85
C GLU C 448 7.20 39.27 -13.60
N ARG C 449 8.45 39.37 -13.20
CA ARG C 449 8.95 38.68 -12.03
C ARG C 449 8.12 39.06 -10.79
N PRO C 450 7.49 38.07 -10.14
CA PRO C 450 6.57 38.28 -9.00
C PRO C 450 7.16 39.09 -7.85
N SER C 451 8.33 38.69 -7.35
CA SER C 451 9.04 39.44 -6.31
C SER C 451 10.56 39.28 -6.44
N ASP C 452 11.31 40.27 -5.97
CA ASP C 452 12.76 40.16 -5.92
C ASP C 452 13.27 40.12 -4.48
N VAL C 453 12.34 39.86 -3.55
CA VAL C 453 12.68 39.80 -2.12
C VAL C 453 12.15 38.55 -1.39
N TYR C 454 10.96 38.07 -1.75
CA TYR C 454 10.41 36.87 -1.11
C TYR C 454 10.36 35.66 -2.05
N SER C 455 10.12 34.48 -1.47
CA SER C 455 9.99 33.21 -2.22
C SER C 455 8.57 33.01 -2.76
N CYS C 456 8.44 32.84 -4.08
CA CYS C 456 7.13 32.90 -4.73
C CYS C 456 6.67 31.66 -5.45
N SER C 457 5.38 31.37 -5.30
CA SER C 457 4.68 30.36 -6.08
C SER C 457 3.74 31.05 -7.08
N PRO C 458 3.62 30.48 -8.31
CA PRO C 458 2.82 31.07 -9.38
C PRO C 458 1.31 31.06 -9.12
N ASN C 459 0.91 30.77 -7.88
CA ASN C 459 -0.48 30.87 -7.45
C ASN C 459 -0.74 32.19 -6.73
N GLY C 460 0.32 32.94 -6.46
CA GLY C 460 0.17 34.27 -5.88
C GLY C 460 0.53 34.35 -4.41
N MET C 461 1.32 33.39 -3.93
CA MET C 461 1.75 33.38 -2.54
C MET C 461 3.23 33.71 -2.41
N MET C 462 3.60 34.39 -1.32
CA MET C 462 5.00 34.76 -1.06
C MET C 462 5.45 34.22 0.29
N TYR C 463 6.71 33.79 0.35
CA TYR C 463 7.25 33.23 1.58
C TYR C 463 8.61 33.83 1.93
N TYR C 464 8.93 33.85 3.23
CA TYR C 464 10.23 34.31 3.71
C TYR C 464 11.35 33.37 3.31
N LYS C 465 12.52 33.93 3.02
CA LYS C 465 13.70 33.13 2.73
C LYS C 465 14.65 33.09 3.93
N ASP C 466 14.42 33.99 4.88
CA ASP C 466 15.35 34.23 5.99
C ASP C 466 15.34 33.16 7.08
N ARG C 467 14.21 32.49 7.25
CA ARG C 467 14.04 31.54 8.35
C ARG C 467 13.67 30.15 7.83
N ASP C 468 13.53 29.20 8.75
CA ASP C 468 13.07 27.86 8.39
C ASP C 468 11.73 27.49 9.01
N GLY C 469 10.82 27.01 8.17
CA GLY C 469 9.48 26.61 8.57
C GLY C 469 9.43 25.19 9.08
N VAL C 470 8.47 24.91 9.95
CA VAL C 470 8.36 23.60 10.59
C VAL C 470 8.12 22.52 9.55
N VAL C 471 7.26 22.83 8.57
CA VAL C 471 6.90 21.90 7.52
C VAL C 471 8.11 21.55 6.64
N PRO C 472 8.77 22.56 6.03
CA PRO C 472 9.98 22.27 5.26
C PRO C 472 11.05 21.50 6.05
N THR C 473 11.20 21.80 7.34
CA THR C 473 12.21 21.18 8.19
C THR C 473 11.88 19.73 8.50
N GLU C 474 10.66 19.48 8.96
CA GLU C 474 10.28 18.13 9.33
C GLU C 474 10.13 17.22 8.14
N ILE C 475 9.74 17.79 7.00
CA ILE C 475 9.61 17.03 5.77
C ILE C 475 10.99 16.62 5.21
N THR C 476 12.01 17.44 5.46
CA THR C 476 13.38 17.14 5.01
C THR C 476 14.01 15.95 5.77
N LYS C 477 13.64 15.77 7.04
CA LYS C 477 14.11 14.65 7.83
C LYS C 477 13.65 13.30 7.26
N VAL C 478 12.34 13.14 7.10
CA VAL C 478 11.79 11.89 6.55
C VAL C 478 12.22 11.67 5.09
N PHE C 479 12.36 12.75 4.32
CA PHE C 479 12.87 12.65 2.95
C PHE C 479 14.30 12.09 2.88
N ASN C 480 15.16 12.54 3.78
CA ASN C 480 16.55 12.07 3.81
C ASN C 480 16.62 10.59 4.16
N GLN C 481 15.75 10.16 5.06
CA GLN C 481 15.57 8.74 5.37
C GLN C 481 15.13 7.94 4.15
N ARG C 482 14.18 8.51 3.39
CA ARG C 482 13.67 7.88 2.18
C ARG C 482 14.76 7.76 1.10
N LYS C 483 15.57 8.81 0.96
CA LYS C 483 16.65 8.82 -0.01
C LYS C 483 17.66 7.72 0.28
N GLU C 484 17.90 7.47 1.56
CA GLU C 484 18.81 6.43 2.05
C GLU C 484 18.37 5.03 1.66
N HIS C 485 17.13 4.69 2.00
CA HIS C 485 16.60 3.36 1.77
C HIS C 485 16.32 3.08 0.31
N LYS C 486 16.17 4.14 -0.49
CA LYS C 486 16.01 3.98 -1.94
C LYS C 486 17.33 3.54 -2.56
N GLY C 487 18.43 4.03 -1.97
CA GLY C 487 19.78 3.68 -2.43
C GLY C 487 20.11 2.21 -2.25
N TYR C 488 19.68 1.65 -1.12
CA TYR C 488 19.84 0.22 -0.84
C TYR C 488 18.96 -0.62 -1.76
N MET C 489 17.70 -0.22 -1.89
CA MET C 489 16.75 -0.90 -2.76
C MET C 489 17.29 -0.96 -4.19
N LEU C 490 17.71 0.18 -4.73
CA LEU C 490 18.31 0.24 -6.06
C LEU C 490 19.61 -0.56 -6.13
N ALA C 491 20.37 -0.59 -5.03
CA ALA C 491 21.61 -1.37 -4.99
C ALA C 491 21.36 -2.87 -5.09
N ALA C 492 20.49 -3.40 -4.24
CA ALA C 492 20.13 -4.82 -4.24
C ALA C 492 19.45 -5.23 -5.53
N GLN C 493 18.81 -4.28 -6.18
CA GLN C 493 18.19 -4.46 -7.48
C GLN C 493 19.29 -4.64 -8.54
N ARG C 494 20.28 -3.74 -8.53
CA ARG C 494 21.45 -3.82 -9.41
C ARG C 494 22.27 -5.08 -9.12
N ASN C 495 22.44 -5.39 -7.84
CA ASN C 495 23.11 -6.60 -7.38
C ASN C 495 22.43 -7.84 -7.94
N GLY C 496 21.11 -7.92 -7.77
CA GLY C 496 20.32 -9.03 -8.27
C GLY C 496 20.50 -9.28 -9.75
N GLU C 497 20.61 -8.21 -10.53
CA GLU C 497 20.82 -8.32 -11.98
C GLU C 497 22.19 -8.89 -12.30
N ILE C 498 23.14 -8.68 -11.39
CA ILE C 498 24.48 -9.28 -11.51
C ILE C 498 24.41 -10.80 -11.24
N ILE C 499 23.63 -11.20 -10.25
CA ILE C 499 23.37 -12.63 -9.97
C ILE C 499 22.51 -13.29 -11.06
N LYS C 500 21.62 -12.50 -11.68
CA LYS C 500 20.60 -12.99 -12.62
C LYS C 500 21.16 -13.40 -13.99
N GLU C 501 22.17 -12.68 -14.46
CA GLU C 501 22.86 -13.03 -15.70
C GLU C 501 24.03 -13.98 -15.42
N ALA C 502 24.33 -14.17 -14.14
CA ALA C 502 25.39 -15.08 -13.69
C ALA C 502 24.90 -16.53 -13.66
N LEU C 503 23.58 -16.71 -13.75
CA LEU C 503 23.03 -18.05 -14.02
C LEU C 503 22.59 -18.21 -15.49
N HIS C 504 23.34 -17.55 -16.38
CA HIS C 504 23.34 -17.86 -17.81
C HIS C 504 24.30 -19.03 -18.06
N ASN C 505 25.04 -19.41 -16.99
CA ASN C 505 25.93 -20.58 -16.96
C ASN C 505 26.69 -20.72 -15.62
N PRO C 506 26.09 -21.42 -14.63
CA PRO C 506 26.77 -21.64 -13.35
C PRO C 506 27.66 -22.88 -13.39
N ASN C 507 28.79 -22.83 -12.68
CA ASN C 507 29.74 -23.96 -12.63
C ASN C 507 29.17 -25.11 -11.84
N LEU C 508 29.31 -26.32 -12.39
CA LEU C 508 28.96 -27.53 -11.66
C LEU C 508 29.96 -27.69 -10.51
N SER C 509 29.48 -27.45 -9.29
CA SER C 509 30.34 -27.31 -8.12
C SER C 509 29.53 -27.38 -6.82
N VAL C 510 30.19 -27.78 -5.74
CA VAL C 510 29.58 -27.81 -4.40
C VAL C 510 30.27 -26.79 -3.49
N ASP C 511 29.54 -25.73 -3.13
CA ASP C 511 30.08 -24.65 -2.30
C ASP C 511 29.09 -24.11 -1.26
N GLU C 512 29.03 -22.78 -1.13
CA GLU C 512 28.30 -22.11 -0.05
C GLU C 512 28.08 -20.63 -0.43
N PRO C 513 26.88 -20.07 -0.15
CA PRO C 513 26.60 -18.66 -0.48
C PRO C 513 27.58 -17.69 0.18
N LEU C 514 28.13 -16.76 -0.61
CA LEU C 514 29.07 -15.75 -0.11
C LEU C 514 28.47 -14.90 1.00
N ASP C 515 29.31 -14.44 1.91
CA ASP C 515 28.87 -13.63 3.04
C ASP C 515 29.00 -12.13 2.73
N VAL C 516 27.91 -11.52 2.28
CA VAL C 516 27.89 -10.10 1.89
C VAL C 516 26.60 -9.36 2.27
N ASP C 517 26.68 -8.03 2.24
CA ASP C 517 25.53 -7.16 2.47
C ASP C 517 25.02 -6.63 1.13
N TYR C 518 23.79 -7.02 0.80
CA TYR C 518 23.20 -6.73 -0.51
C TYR C 518 22.80 -5.27 -0.67
N ARG C 519 22.74 -4.57 0.46
CA ARG C 519 22.40 -3.14 0.50
C ARG C 519 23.42 -2.29 -0.25
N PHE C 520 24.54 -2.90 -0.65
CA PHE C 520 25.62 -2.20 -1.35
C PHE C 520 26.01 -2.89 -2.64
N ASP C 521 26.55 -2.11 -3.58
CA ASP C 521 27.10 -2.64 -4.82
C ASP C 521 28.20 -3.63 -4.51
N PHE C 522 28.22 -4.75 -5.23
CA PHE C 522 29.30 -5.70 -5.11
C PHE C 522 30.61 -5.07 -5.60
N SER C 523 31.70 -5.28 -4.86
CA SER C 523 33.03 -4.82 -5.25
C SER C 523 33.61 -5.74 -6.33
N ASP C 524 34.59 -5.22 -7.09
CA ASP C 524 35.19 -5.95 -8.22
C ASP C 524 35.65 -7.37 -7.89
N GLU C 525 36.08 -7.58 -6.64
CA GLU C 525 36.50 -8.88 -6.16
C GLU C 525 35.35 -9.88 -6.12
N ILE C 526 34.27 -9.51 -5.42
CA ILE C 526 33.08 -10.37 -5.33
C ILE C 526 32.32 -10.47 -6.65
N LYS C 527 32.34 -9.39 -7.44
CA LYS C 527 31.79 -9.40 -8.80
C LYS C 527 32.43 -10.52 -9.62
N GLU C 528 33.73 -10.73 -9.38
CA GLU C 528 34.49 -11.79 -10.02
C GLU C 528 34.34 -13.13 -9.32
N LYS C 529 34.07 -13.07 -8.01
CA LYS C 529 33.84 -14.27 -7.19
C LYS C 529 32.44 -14.88 -7.36
N ILE C 530 31.54 -14.18 -8.06
CA ILE C 530 30.17 -14.66 -8.26
C ILE C 530 30.05 -15.79 -9.29
N LYS C 531 30.42 -15.52 -10.55
CA LYS C 531 30.23 -16.50 -11.63
C LYS C 531 31.03 -17.79 -11.38
N LYS C 532 31.84 -17.77 -10.33
CA LYS C 532 32.58 -18.94 -9.87
C LYS C 532 31.73 -19.83 -8.93
N LEU C 533 30.54 -19.35 -8.55
CA LEU C 533 29.60 -20.11 -7.69
C LEU C 533 28.62 -21.00 -8.48
N SER C 534 27.94 -21.88 -7.75
CA SER C 534 27.03 -22.87 -8.33
C SER C 534 25.59 -22.37 -8.43
N ALA C 535 24.78 -23.09 -9.20
CA ALA C 535 23.35 -22.82 -9.33
C ALA C 535 22.67 -22.78 -7.96
N LYS C 536 22.92 -23.80 -7.14
CA LYS C 536 22.36 -23.87 -5.78
C LYS C 536 22.82 -22.71 -4.90
N SER C 537 24.02 -22.21 -5.16
CA SER C 537 24.55 -21.07 -4.41
C SER C 537 24.08 -19.72 -4.95
N LEU C 538 23.75 -19.67 -6.25
CA LEU C 538 23.23 -18.44 -6.87
C LEU C 538 21.74 -18.24 -6.60
N ASN C 539 20.97 -19.33 -6.68
CA ASN C 539 19.54 -19.32 -6.36
C ASN C 539 19.25 -18.91 -4.92
N GLU C 540 20.27 -19.02 -4.07
CA GLU C 540 20.17 -18.66 -2.66
C GLU C 540 20.43 -17.17 -2.47
N MET C 541 21.43 -16.68 -3.19
CA MET C 541 21.81 -15.27 -3.12
C MET C 541 20.80 -14.39 -3.86
N LEU C 542 20.39 -14.83 -5.06
CA LEU C 542 19.31 -14.18 -5.78
C LEU C 542 18.13 -13.94 -4.84
N PHE C 543 17.67 -15.00 -4.18
CA PHE C 543 16.54 -14.90 -3.25
C PHE C 543 16.78 -13.91 -2.12
N ARG C 544 17.99 -13.92 -1.55
CA ARG C 544 18.35 -13.00 -0.47
C ARG C 544 18.41 -11.55 -0.97
N ALA C 545 18.97 -11.36 -2.16
CA ALA C 545 19.06 -10.04 -2.78
C ALA C 545 17.68 -9.41 -2.97
N GLN C 546 16.73 -10.24 -3.33
CA GLN C 546 15.37 -9.80 -3.57
C GLN C 546 14.65 -9.59 -2.25
N ARG C 547 15.05 -10.33 -1.22
CA ARG C 547 14.51 -10.14 0.12
C ARG C 547 14.87 -8.75 0.63
N THR C 548 16.10 -8.33 0.38
CA THR C 548 16.57 -7.02 0.82
C THR C 548 16.00 -5.89 -0.04
N GLU C 549 15.79 -6.17 -1.32
CA GLU C 549 15.10 -5.21 -2.17
C GLU C 549 13.64 -5.03 -1.70
N VAL C 550 12.96 -6.13 -1.43
CA VAL C 550 11.59 -6.08 -0.92
C VAL C 550 11.53 -5.23 0.35
N ALA C 551 12.47 -5.46 1.26
CA ALA C 551 12.51 -4.77 2.54
C ALA C 551 12.90 -3.30 2.41
N GLY C 552 13.83 -3.02 1.49
CA GLY C 552 14.24 -1.64 1.18
C GLY C 552 13.13 -0.90 0.46
N MET C 553 12.43 -1.62 -0.41
CA MET C 553 11.26 -1.10 -1.11
C MET C 553 10.20 -0.63 -0.11
N THR C 554 9.92 -1.47 0.89
CA THR C 554 8.92 -1.15 1.92
C THR C 554 9.28 0.16 2.61
N ALA C 555 10.51 0.22 3.10
CA ALA C 555 11.04 1.36 3.85
C ALA C 555 10.98 2.66 3.07
N GLN C 556 11.30 2.58 1.78
CA GLN C 556 11.34 3.76 0.93
C GLN C 556 9.93 4.21 0.51
N ILE C 557 9.18 3.31 -0.10
CA ILE C 557 7.87 3.65 -0.65
C ILE C 557 6.90 4.21 0.41
N ASN C 558 7.08 3.82 1.67
CA ASN C 558 6.18 4.27 2.73
C ASN C 558 6.58 5.58 3.38
N ARG C 559 7.88 5.87 3.33
CA ARG C 559 8.36 7.20 3.72
C ARG C 559 7.96 8.21 2.67
N LYS C 560 7.99 7.78 1.41
CA LYS C 560 7.46 8.56 0.29
C LYS C 560 5.96 8.86 0.42
N LEU C 561 5.19 7.91 0.95
CA LEU C 561 3.77 8.12 1.18
C LEU C 561 3.57 9.20 2.23
N LEU C 562 4.30 9.07 3.33
CA LEU C 562 4.14 9.96 4.47
C LEU C 562 4.46 11.42 4.16
N ILE C 563 5.48 11.66 3.32
CA ILE C 563 5.83 13.02 2.93
C ILE C 563 4.90 13.62 1.87
N ASN C 564 4.42 12.79 0.94
CA ASN C 564 3.36 13.22 0.03
C ASN C 564 2.07 13.50 0.80
N SER C 565 1.86 12.75 1.88
CA SER C 565 0.71 12.91 2.76
C SER C 565 0.71 14.20 3.58
N LEU C 566 1.87 14.86 3.66
CA LEU C 566 1.94 16.13 4.36
C LEU C 566 1.29 17.20 3.48
N TYR C 567 1.63 17.20 2.19
CA TYR C 567 0.90 18.01 1.23
C TYR C 567 -0.59 17.66 1.28
N GLY C 568 -0.88 16.37 1.37
CA GLY C 568 -2.25 15.88 1.39
C GLY C 568 -3.05 16.40 2.57
N ALA C 569 -2.45 16.31 3.76
CA ALA C 569 -3.05 16.84 4.97
C ALA C 569 -3.34 18.35 4.82
N LEU C 570 -2.40 19.09 4.22
CA LEU C 570 -2.58 20.54 3.99
C LEU C 570 -3.90 20.83 3.28
N GLY C 571 -4.35 19.85 2.48
CA GLY C 571 -5.61 19.95 1.75
C GLY C 571 -6.76 19.17 2.38
N ASN C 572 -6.58 18.77 3.62
CA ASN C 572 -7.62 18.04 4.34
C ASN C 572 -8.17 18.88 5.49
N VAL C 573 -9.50 18.96 5.60
CA VAL C 573 -10.15 19.87 6.56
C VAL C 573 -9.96 19.55 8.05
N TRP C 574 -9.65 18.30 8.38
CA TRP C 574 -9.45 17.90 9.77
C TRP C 574 -8.03 18.14 10.27
N PHE C 575 -7.15 18.49 9.35
CA PHE C 575 -5.75 18.79 9.67
C PHE C 575 -5.64 20.17 10.29
N ARG C 576 -4.86 20.28 11.35
CA ARG C 576 -4.67 21.53 12.07
C ARG C 576 -4.16 22.65 11.16
N TYR C 577 -3.32 22.28 10.19
CA TYR C 577 -2.67 23.28 9.34
C TYR C 577 -3.28 23.33 7.93
N TYR C 578 -4.57 23.00 7.86
CA TYR C 578 -5.30 23.05 6.62
C TYR C 578 -5.20 24.45 6.02
N ASP C 579 -4.68 24.55 4.80
CA ASP C 579 -4.48 25.84 4.17
C ASP C 579 -4.36 25.70 2.64
N LEU C 580 -5.43 26.05 1.96
CA LEU C 580 -5.53 25.92 0.50
C LEU C 580 -4.59 26.89 -0.22
N ARG C 581 -4.17 27.95 0.46
CA ARG C 581 -3.18 28.85 -0.10
C ARG C 581 -1.86 28.10 -0.20
N ASN C 582 -1.67 27.14 0.70
CA ASN C 582 -0.47 26.33 0.70
C ASN C 582 -0.61 25.11 -0.19
N ALA C 583 -1.75 24.44 -0.13
CA ALA C 583 -2.00 23.28 -1.00
C ALA C 583 -1.86 23.63 -2.49
N THR C 584 -2.48 24.74 -2.90
CA THR C 584 -2.45 25.17 -4.32
C THR C 584 -1.14 25.85 -4.73
N ALA C 585 -0.45 26.44 -3.77
CA ALA C 585 0.90 26.93 -4.02
C ALA C 585 1.79 25.80 -4.51
N ILE C 586 1.53 24.59 -3.99
CA ILE C 586 2.31 23.41 -4.34
C ILE C 586 1.94 22.89 -5.73
N THR C 587 0.66 22.62 -5.95
CA THR C 587 0.19 22.02 -7.21
C THR C 587 0.37 22.96 -8.40
N THR C 588 0.02 24.23 -8.21
CA THR C 588 0.20 25.27 -9.24
C THR C 588 1.67 25.37 -9.59
N PHE C 589 2.52 25.30 -8.58
CA PHE C 589 3.95 25.32 -8.82
C PHE C 589 4.39 24.13 -9.68
N GLY C 590 3.81 22.97 -9.42
CA GLY C 590 4.17 21.75 -10.14
C GLY C 590 3.68 21.80 -11.58
N GLN C 591 2.44 22.23 -11.75
CA GLN C 591 1.91 22.48 -13.07
C GLN C 591 2.86 23.34 -13.89
N MET C 592 3.37 24.40 -13.26
CA MET C 592 4.29 25.30 -13.94
C MET C 592 5.62 24.60 -14.25
N ALA C 593 6.26 24.05 -13.23
CA ALA C 593 7.57 23.42 -13.37
C ALA C 593 7.62 22.35 -14.46
N LEU C 594 6.62 21.48 -14.48
CA LEU C 594 6.50 20.44 -15.50
C LEU C 594 6.43 21.06 -16.91
N GLN C 595 5.55 22.04 -17.10
CA GLN C 595 5.35 22.67 -18.40
C GLN C 595 6.54 23.54 -18.83
N TRP C 596 7.16 24.21 -17.85
CA TRP C 596 8.39 24.96 -18.06
C TRP C 596 9.46 24.06 -18.69
N ILE C 597 9.84 22.99 -17.97
CA ILE C 597 10.89 22.09 -18.42
C ILE C 597 10.53 21.34 -19.71
N GLU C 598 9.24 21.16 -19.97
CA GLU C 598 8.80 20.63 -21.27
C GLU C 598 9.25 21.58 -22.36
N ARG C 599 8.85 22.84 -22.23
CA ARG C 599 9.25 23.87 -23.17
C ARG C 599 10.76 23.85 -23.35
N LYS C 600 11.49 23.92 -22.24
CA LYS C 600 12.95 23.98 -22.27
C LYS C 600 13.60 22.77 -22.92
N VAL C 601 13.06 21.57 -22.69
CA VAL C 601 13.60 20.34 -23.30
C VAL C 601 13.38 20.34 -24.81
N ASN C 602 12.20 20.75 -25.23
CA ASN C 602 11.91 20.90 -26.65
C ASN C 602 12.84 21.88 -27.36
N GLU C 603 13.49 22.75 -26.59
CA GLU C 603 14.39 23.75 -27.15
C GLU C 603 15.78 23.19 -27.34
N TYR C 604 16.36 22.66 -26.27
CA TYR C 604 17.71 22.10 -26.31
C TYR C 604 17.82 20.97 -27.33
N LEU C 605 16.70 20.29 -27.59
CA LEU C 605 16.71 19.19 -28.56
C LEU C 605 16.52 19.67 -30.00
N ASN C 606 15.74 20.72 -30.20
CA ASN C 606 15.66 21.37 -31.50
C ASN C 606 17.04 21.84 -31.95
N GLU C 607 17.74 22.56 -31.07
CA GLU C 607 19.11 23.03 -31.32
C GLU C 607 20.08 21.88 -31.56
N VAL C 608 20.22 21.00 -30.57
CA VAL C 608 21.14 19.85 -30.65
C VAL C 608 20.89 19.00 -31.90
N CYS C 609 19.62 18.87 -32.27
CA CYS C 609 19.22 18.14 -33.47
C CYS C 609 19.56 18.93 -34.73
N GLY C 610 19.02 20.14 -34.84
CA GLY C 610 19.19 20.97 -36.03
C GLY C 610 17.88 21.55 -36.51
N THR C 611 16.83 20.73 -36.48
CA THR C 611 15.50 21.14 -36.91
C THR C 611 14.88 22.19 -35.96
N GLU C 612 13.69 22.69 -36.30
CA GLU C 612 13.04 23.72 -35.50
C GLU C 612 11.54 23.41 -35.32
N GLY C 613 11.01 23.78 -34.15
CA GLY C 613 9.58 23.60 -33.83
C GLY C 613 9.14 22.18 -33.53
N GLU C 614 10.11 21.27 -33.38
CA GLU C 614 9.81 19.84 -33.16
C GLU C 614 9.40 19.53 -31.72
N ALA C 615 8.23 18.93 -31.56
CA ALA C 615 7.76 18.43 -30.28
C ALA C 615 8.42 17.08 -29.95
N PHE C 616 9.40 17.12 -29.06
CA PHE C 616 10.12 15.91 -28.67
C PHE C 616 9.48 15.21 -27.46
N VAL C 617 8.83 15.99 -26.61
CA VAL C 617 8.15 15.45 -25.44
C VAL C 617 6.77 14.99 -25.85
N LEU C 618 6.55 13.68 -25.86
CA LEU C 618 5.24 13.15 -26.28
C LEU C 618 4.22 13.06 -25.15
N TYR C 619 4.70 13.06 -23.90
CA TYR C 619 3.83 12.87 -22.77
C TYR C 619 4.41 13.42 -21.48
N GLY C 620 3.52 13.68 -20.53
CA GLY C 620 3.90 14.09 -19.18
C GLY C 620 2.76 13.91 -18.21
N ASP C 621 3.08 13.40 -17.01
CA ASP C 621 2.12 13.26 -15.93
C ASP C 621 2.69 13.80 -14.62
N THR C 622 2.17 14.96 -14.21
CA THR C 622 2.54 15.63 -12.95
C THR C 622 3.97 16.17 -12.92
N ASP C 623 4.96 15.26 -13.00
CA ASP C 623 6.37 15.61 -12.83
C ASP C 623 7.29 14.83 -13.75
N SER C 624 6.72 14.18 -14.75
CA SER C 624 7.48 13.32 -15.64
C SER C 624 7.43 13.79 -17.08
N ILE C 625 8.53 13.62 -17.80
CA ILE C 625 8.53 13.84 -19.23
C ILE C 625 8.98 12.57 -19.97
N TYR C 626 8.24 12.26 -21.03
CA TYR C 626 8.59 11.15 -21.91
C TYR C 626 9.10 11.72 -23.23
N VAL C 627 10.34 11.35 -23.57
CA VAL C 627 11.08 11.96 -24.68
C VAL C 627 11.25 11.01 -25.89
N SER C 628 10.78 11.47 -27.04
CA SER C 628 10.91 10.75 -28.31
C SER C 628 12.39 10.67 -28.72
N ALA C 629 13.01 9.51 -28.49
CA ALA C 629 14.46 9.37 -28.70
C ALA C 629 14.83 9.01 -30.13
N ASP C 630 13.82 8.87 -30.99
CA ASP C 630 14.01 8.45 -32.38
C ASP C 630 14.97 9.35 -33.14
N LYS C 631 14.66 10.65 -33.19
CA LYS C 631 15.41 11.61 -33.99
C LYS C 631 16.87 11.76 -33.54
N ILE C 632 17.13 11.42 -32.28
CA ILE C 632 18.49 11.42 -31.73
C ILE C 632 19.29 10.20 -32.20
N ILE C 633 18.59 9.13 -32.55
CA ILE C 633 19.23 7.94 -33.12
C ILE C 633 19.52 8.14 -34.61
N ASP C 634 18.58 8.78 -35.32
CA ASP C 634 18.72 9.08 -36.75
C ASP C 634 20.06 9.75 -37.09
N LYS C 635 20.47 10.69 -36.24
CA LYS C 635 21.71 11.43 -36.44
C LYS C 635 22.93 10.53 -36.56
N VAL C 636 22.88 9.38 -35.89
CA VAL C 636 23.95 8.38 -35.93
C VAL C 636 23.61 7.28 -36.94
N GLY C 637 22.40 7.34 -37.49
CA GLY C 637 21.94 6.34 -38.45
C GLY C 637 21.51 5.06 -37.77
N GLU C 638 20.47 4.44 -38.33
CA GLU C 638 19.89 3.21 -37.80
C GLU C 638 20.93 2.13 -37.52
N SER C 639 21.57 1.64 -38.57
CA SER C 639 22.61 0.62 -38.42
C SER C 639 23.97 1.27 -38.15
N LYS C 640 24.37 1.27 -36.89
CA LYS C 640 25.73 1.63 -36.47
C LYS C 640 26.04 1.05 -35.09
N PHE C 641 25.16 0.17 -34.62
CA PHE C 641 25.30 -0.48 -33.32
C PHE C 641 25.35 -1.99 -33.51
N ARG C 642 26.40 -2.62 -32.98
CA ARG C 642 26.62 -4.06 -33.14
C ARG C 642 25.45 -4.88 -32.55
N ASP C 643 25.07 -4.55 -31.32
CA ASP C 643 23.94 -5.20 -30.65
C ASP C 643 23.07 -4.20 -29.88
N THR C 644 21.92 -4.68 -29.41
CA THR C 644 20.94 -3.87 -28.66
C THR C 644 21.60 -3.05 -27.54
N ASN C 645 22.44 -3.70 -26.74
CA ASN C 645 23.04 -3.11 -25.56
C ASN C 645 23.95 -1.90 -25.83
N HIS C 646 24.13 -1.56 -27.11
CA HIS C 646 24.98 -0.42 -27.47
C HIS C 646 24.24 0.90 -27.53
N TRP C 647 23.02 0.88 -28.05
CA TRP C 647 22.22 2.10 -28.14
C TRP C 647 21.58 2.51 -26.81
N VAL C 648 21.62 1.59 -25.85
CA VAL C 648 21.17 1.86 -24.48
C VAL C 648 22.25 2.62 -23.71
N ASP C 649 23.48 2.11 -23.77
CA ASP C 649 24.64 2.78 -23.15
C ASP C 649 24.86 4.16 -23.73
N PHE C 650 24.75 4.26 -25.06
CA PHE C 650 24.88 5.53 -25.75
C PHE C 650 23.85 6.53 -25.22
N LEU C 651 22.59 6.10 -25.15
CA LEU C 651 21.52 6.99 -24.72
C LEU C 651 21.61 7.37 -23.25
N ASP C 652 22.00 6.40 -22.43
CA ASP C 652 22.25 6.66 -21.01
C ASP C 652 23.32 7.74 -20.84
N LYS C 653 24.35 7.67 -21.69
CA LYS C 653 25.40 8.69 -21.72
C LYS C 653 24.88 10.03 -22.24
N PHE C 654 24.13 10.03 -23.34
CA PHE C 654 23.58 11.28 -23.87
C PHE C 654 22.66 11.99 -22.88
N ALA C 655 21.90 11.19 -22.11
CA ALA C 655 21.03 11.74 -21.07
C ALA C 655 21.84 12.41 -19.98
N ARG C 656 22.72 11.64 -19.36
CA ARG C 656 23.48 12.08 -18.20
C ARG C 656 24.50 13.15 -18.53
N GLU C 657 25.21 12.97 -19.65
CA GLU C 657 26.31 13.87 -20.03
C GLU C 657 25.85 15.17 -20.70
N ARG C 658 24.67 15.13 -21.31
CA ARG C 658 24.19 16.27 -22.10
C ARG C 658 22.85 16.84 -21.64
N MET C 659 21.83 15.99 -21.54
CA MET C 659 20.47 16.44 -21.25
C MET C 659 20.26 16.98 -19.83
N GLU C 660 20.71 16.23 -18.84
CA GLU C 660 20.56 16.63 -17.43
C GLU C 660 21.24 17.96 -17.11
N PRO C 661 22.51 18.16 -17.55
CA PRO C 661 23.11 19.49 -17.43
C PRO C 661 22.26 20.61 -18.03
N ALA C 662 21.57 20.33 -19.13
CA ALA C 662 20.67 21.29 -19.77
C ALA C 662 19.42 21.52 -18.93
N ILE C 663 18.90 20.43 -18.36
CA ILE C 663 17.75 20.47 -17.46
C ILE C 663 18.08 21.27 -16.20
N ASP C 664 19.23 20.95 -15.58
CA ASP C 664 19.67 21.60 -14.35
C ASP C 664 19.80 23.12 -14.51
N ARG C 665 20.19 23.54 -15.71
CA ARG C 665 20.24 24.96 -16.04
C ARG C 665 18.83 25.52 -16.19
N GLY C 666 17.97 24.77 -16.87
CA GLY C 666 16.59 25.19 -17.08
C GLY C 666 15.79 25.43 -15.82
N PHE C 667 16.10 24.69 -14.76
CA PHE C 667 15.34 24.77 -13.52
C PHE C 667 15.85 25.85 -12.58
N ARG C 668 17.16 26.09 -12.56
CA ARG C 668 17.68 27.15 -11.71
C ARG C 668 17.31 28.52 -12.27
N GLU C 669 17.03 28.57 -13.56
CA GLU C 669 16.53 29.78 -14.17
C GLU C 669 15.13 30.04 -13.65
N MET C 670 14.33 28.98 -13.58
CA MET C 670 13.00 29.03 -12.99
C MET C 670 13.10 29.39 -11.52
N CYS C 671 14.15 28.89 -10.86
CA CYS C 671 14.39 29.16 -9.45
C CYS C 671 14.67 30.64 -9.21
N GLU C 672 15.58 31.19 -10.00
CA GLU C 672 15.84 32.63 -10.02
C GLU C 672 14.55 33.39 -10.28
N TYR C 673 13.80 32.94 -11.28
CA TYR C 673 12.55 33.60 -11.68
C TYR C 673 11.54 33.69 -10.53
N MET C 674 11.43 32.60 -9.76
CA MET C 674 10.50 32.55 -8.63
C MET C 674 11.14 32.98 -7.31
N ASN C 675 12.43 33.29 -7.37
CA ASN C 675 13.17 33.81 -6.23
C ASN C 675 13.00 32.93 -4.98
N ASN C 676 13.28 31.64 -5.14
CA ASN C 676 13.08 30.66 -4.06
C ASN C 676 14.32 30.48 -3.18
N LYS C 677 14.12 29.97 -1.97
CA LYS C 677 15.21 29.68 -1.03
C LYS C 677 16.38 28.92 -1.65
N GLN C 678 16.13 27.65 -1.99
CA GLN C 678 17.15 26.72 -2.44
C GLN C 678 16.67 25.95 -3.67
N HIS C 679 17.50 25.89 -4.72
CA HIS C 679 17.17 25.10 -5.90
C HIS C 679 17.15 23.60 -5.58
N LEU C 680 15.98 22.99 -5.74
CA LEU C 680 15.81 21.59 -5.39
C LEU C 680 15.03 20.79 -6.43
N MET C 681 15.04 21.26 -7.67
CA MET C 681 14.37 20.53 -8.75
C MET C 681 15.38 19.71 -9.54
N PHE C 682 15.45 18.41 -9.25
CA PHE C 682 16.36 17.52 -9.94
C PHE C 682 15.58 16.43 -10.64
N MET C 683 15.84 16.26 -11.93
CA MET C 683 15.21 15.21 -12.70
C MET C 683 16.15 14.03 -12.78
N ASP C 684 15.70 12.91 -12.22
CA ASP C 684 16.40 11.64 -12.29
C ASP C 684 15.96 10.95 -13.57
N ARG C 685 16.92 10.46 -14.36
CA ARG C 685 16.58 9.68 -15.57
C ARG C 685 16.02 8.31 -15.19
N GLU C 686 14.88 7.99 -15.80
CA GLU C 686 14.11 6.83 -15.42
C GLU C 686 14.36 5.68 -16.37
N ALA C 687 13.60 5.66 -17.47
CA ALA C 687 13.57 4.53 -18.39
C ALA C 687 14.35 4.79 -19.69
N ILE C 688 14.79 3.69 -20.30
CA ILE C 688 15.26 3.69 -21.70
C ILE C 688 14.51 2.57 -22.43
N ALA C 689 13.77 2.94 -23.48
CA ALA C 689 12.85 2.00 -24.14
C ALA C 689 12.98 1.91 -25.65
N GLY C 690 12.63 0.76 -26.20
CA GLY C 690 12.71 0.50 -27.63
C GLY C 690 12.75 -0.98 -27.96
N PRO C 691 12.60 -1.33 -29.25
CA PRO C 691 12.61 -2.73 -29.68
C PRO C 691 14.03 -3.29 -29.70
N PRO C 692 14.17 -4.63 -29.68
CA PRO C 692 15.49 -5.21 -29.96
C PRO C 692 15.90 -4.87 -31.40
N LEU C 693 17.22 -4.73 -31.63
CA LEU C 693 17.74 -4.46 -32.99
C LEU C 693 17.47 -5.62 -33.93
N GLY C 694 17.09 -5.29 -35.16
CA GLY C 694 16.77 -6.30 -36.18
C GLY C 694 15.47 -7.04 -35.91
N SER C 695 14.60 -6.38 -35.14
CA SER C 695 13.29 -6.97 -34.79
C SER C 695 12.17 -6.09 -35.31
N LYS C 696 11.07 -6.74 -35.70
CA LYS C 696 9.90 -6.05 -36.22
C LYS C 696 9.00 -5.47 -35.13
N GLY C 697 9.40 -5.63 -33.88
CA GLY C 697 8.67 -5.06 -32.73
C GLY C 697 8.50 -3.56 -32.83
N ILE C 698 7.66 -2.99 -31.97
CA ILE C 698 7.33 -1.55 -32.08
C ILE C 698 7.92 -0.68 -30.96
N GLY C 699 8.51 -1.31 -29.94
CA GLY C 699 9.17 -0.59 -28.85
C GLY C 699 8.23 -0.08 -27.76
N GLY C 700 7.23 0.69 -28.15
CA GLY C 700 6.23 1.19 -27.20
C GLY C 700 5.06 1.88 -27.87
N PHE C 701 4.05 2.21 -27.09
CA PHE C 701 2.89 2.95 -27.58
C PHE C 701 2.11 3.62 -26.45
N TRP C 702 1.42 4.71 -26.78
CA TRP C 702 0.45 5.34 -25.90
C TRP C 702 -0.95 5.14 -26.48
N THR C 703 -1.98 5.05 -25.63
CA THR C 703 -3.35 5.05 -26.12
C THR C 703 -4.11 6.31 -25.67
N GLY C 704 -3.60 6.95 -24.62
CA GLY C 704 -4.20 8.15 -24.04
C GLY C 704 -3.49 8.54 -22.76
N LYS C 705 -4.16 9.38 -21.95
CA LYS C 705 -3.67 9.73 -20.63
C LYS C 705 -3.66 8.52 -19.70
N LYS C 706 -2.57 8.38 -18.95
CA LYS C 706 -2.42 7.34 -17.92
C LYS C 706 -2.36 5.92 -18.49
N ARG C 707 -2.26 5.78 -19.81
CA ARG C 707 -2.33 4.46 -20.45
C ARG C 707 -1.27 4.31 -21.54
N TYR C 708 -0.28 3.48 -21.26
CA TYR C 708 0.82 3.26 -22.18
C TYR C 708 1.63 2.02 -21.81
N ALA C 709 2.48 1.58 -22.73
CA ALA C 709 3.34 0.42 -22.53
C ALA C 709 4.69 0.65 -23.19
N LEU C 710 5.74 0.15 -22.55
CA LEU C 710 7.11 0.33 -23.02
C LEU C 710 7.99 -0.89 -22.77
N ASN C 711 8.88 -1.17 -23.70
CA ASN C 711 9.87 -2.23 -23.55
C ASN C 711 11.17 -1.66 -22.98
N VAL C 712 11.43 -1.93 -21.70
CA VAL C 712 12.49 -1.20 -20.99
C VAL C 712 13.78 -2.02 -20.78
N TRP C 713 14.91 -1.38 -21.08
CA TRP C 713 16.24 -2.01 -21.00
C TRP C 713 17.05 -1.54 -19.78
N ASP C 714 16.83 -0.29 -19.37
CA ASP C 714 17.44 0.24 -18.15
C ASP C 714 16.46 1.14 -17.42
N MET C 715 16.20 0.81 -16.16
CA MET C 715 15.35 1.62 -15.30
C MET C 715 16.10 2.18 -14.10
N GLU C 716 16.40 3.49 -14.17
CA GLU C 716 17.06 4.24 -13.10
C GLU C 716 18.46 3.72 -12.77
N GLY C 717 19.27 3.51 -13.80
CA GLY C 717 20.63 3.02 -13.58
C GLY C 717 20.74 1.51 -13.64
N THR C 718 19.75 0.82 -13.06
CA THR C 718 19.64 -0.64 -13.12
C THR C 718 19.55 -1.19 -14.54
N ARG C 719 20.58 -1.92 -14.95
CA ARG C 719 20.62 -2.52 -16.27
C ARG C 719 20.07 -3.94 -16.23
N TYR C 720 19.11 -4.23 -17.09
CA TYR C 720 18.46 -5.52 -17.08
C TYR C 720 19.14 -6.48 -18.01
N ALA C 721 19.32 -7.71 -17.53
CA ALA C 721 19.75 -8.81 -18.36
C ALA C 721 18.71 -9.02 -19.45
N GLU C 722 17.46 -9.24 -19.04
CA GLU C 722 16.33 -9.42 -19.95
C GLU C 722 15.46 -8.18 -19.90
N PRO C 723 15.02 -7.66 -21.07
CA PRO C 723 14.16 -6.49 -21.05
C PRO C 723 12.84 -6.77 -20.33
N LYS C 724 12.36 -5.78 -19.59
CA LYS C 724 11.10 -5.87 -18.84
C LYS C 724 10.09 -4.90 -19.43
N LEU C 725 8.81 -5.23 -19.28
CA LEU C 725 7.74 -4.39 -19.79
C LEU C 725 7.26 -3.42 -18.72
N LYS C 726 7.37 -2.13 -19.01
CA LYS C 726 6.75 -1.10 -18.20
C LYS C 726 5.36 -0.92 -18.77
N ILE C 727 4.36 -1.36 -18.04
CA ILE C 727 2.98 -1.23 -18.49
C ILE C 727 2.21 -0.46 -17.45
N MET C 728 1.53 0.59 -17.90
CA MET C 728 0.80 1.49 -17.01
C MET C 728 -0.63 1.70 -17.49
N GLY C 729 -1.56 1.60 -16.56
CA GLY C 729 -2.97 1.96 -16.78
C GLY C 729 -3.79 1.00 -17.62
N LEU C 730 -3.13 0.25 -18.49
CA LEU C 730 -3.79 -0.75 -19.29
C LEU C 730 -4.39 -1.84 -18.40
N GLU C 731 -5.23 -2.67 -19.00
CA GLU C 731 -6.02 -3.69 -18.28
C GLU C 731 -5.17 -4.72 -17.54
N THR C 732 -3.96 -4.98 -18.04
CA THR C 732 -3.05 -5.95 -17.42
C THR C 732 -2.67 -5.58 -15.98
N GLN C 733 -2.87 -4.31 -15.61
CA GLN C 733 -2.48 -3.78 -14.30
C GLN C 733 -3.67 -3.66 -13.34
N LYS C 734 -4.88 -3.82 -13.88
CA LYS C 734 -6.09 -3.70 -13.09
C LYS C 734 -6.46 -5.03 -12.45
N SER C 735 -6.84 -4.99 -11.19
CA SER C 735 -7.24 -6.18 -10.45
C SER C 735 -8.65 -6.66 -10.82
N SER C 736 -9.33 -5.90 -11.69
CA SER C 736 -10.67 -6.26 -12.13
C SER C 736 -10.68 -7.20 -13.34
N THR C 737 -9.59 -7.17 -14.11
CA THR C 737 -9.37 -8.10 -15.21
C THR C 737 -9.21 -9.53 -14.67
N PRO C 738 -9.85 -10.52 -15.32
CA PRO C 738 -9.58 -11.93 -15.04
C PRO C 738 -8.11 -12.34 -15.21
N LYS C 739 -7.61 -13.16 -14.29
CA LYS C 739 -6.19 -13.52 -14.22
C LYS C 739 -5.59 -14.09 -15.50
N ALA C 740 -6.38 -14.89 -16.22
CA ALA C 740 -5.92 -15.47 -17.49
C ALA C 740 -5.81 -14.42 -18.58
N VAL C 741 -6.72 -13.45 -18.55
CA VAL C 741 -6.75 -12.39 -19.53
C VAL C 741 -5.62 -11.38 -19.25
N GLN C 742 -5.25 -11.25 -17.98
CA GLN C 742 -4.11 -10.41 -17.62
C GLN C 742 -2.87 -10.95 -18.28
N LYS C 743 -2.65 -12.25 -18.15
CA LYS C 743 -1.48 -12.92 -18.73
C LYS C 743 -1.49 -12.88 -20.24
N ALA C 744 -2.65 -13.18 -20.82
CA ALA C 744 -2.81 -13.22 -22.27
C ALA C 744 -2.54 -11.87 -22.92
N LEU C 745 -3.07 -10.81 -22.32
CA LEU C 745 -2.87 -9.45 -22.83
C LEU C 745 -1.44 -8.97 -22.62
N LYS C 746 -0.80 -9.43 -21.53
CA LYS C 746 0.60 -9.10 -21.30
C LYS C 746 1.47 -9.74 -22.37
N GLU C 747 1.06 -10.93 -22.81
CA GLU C 747 1.77 -11.63 -23.88
C GLU C 747 1.59 -10.96 -25.24
N CYS C 748 0.41 -10.41 -25.49
CA CYS C 748 0.13 -9.69 -26.73
C CYS C 748 1.00 -8.44 -26.84
N ILE C 749 1.19 -7.77 -25.71
CA ILE C 749 1.96 -6.53 -25.68
C ILE C 749 3.43 -6.85 -25.86
N ARG C 750 3.89 -7.92 -25.21
CA ARG C 750 5.26 -8.35 -25.36
C ARG C 750 5.57 -8.68 -26.81
N ARG C 751 4.63 -9.36 -27.47
CA ARG C 751 4.80 -9.73 -28.88
C ARG C 751 4.69 -8.52 -29.82
N MET C 752 3.91 -7.53 -29.40
CA MET C 752 3.83 -6.25 -30.10
C MET C 752 5.11 -5.43 -30.00
N LEU C 753 5.67 -5.36 -28.81
CA LEU C 753 6.82 -4.49 -28.56
C LEU C 753 8.16 -5.11 -28.95
N GLN C 754 8.30 -6.42 -28.76
CA GLN C 754 9.60 -7.08 -28.93
C GLN C 754 9.78 -7.84 -30.25
N GLU C 755 8.67 -8.25 -30.88
CA GLU C 755 8.75 -9.13 -32.04
C GLU C 755 7.98 -8.62 -33.27
N GLY C 756 6.78 -8.09 -33.07
CA GLY C 756 6.08 -7.40 -34.15
C GLY C 756 4.71 -7.90 -34.58
N GLU C 757 4.21 -7.29 -35.64
CA GLU C 757 2.89 -7.51 -36.22
C GLU C 757 2.47 -8.98 -36.34
N GLU C 758 3.33 -9.79 -36.96
CA GLU C 758 3.05 -11.20 -37.23
C GLU C 758 2.89 -11.98 -35.94
N SER C 759 3.90 -11.85 -35.07
CA SER C 759 3.95 -12.55 -33.79
C SER C 759 2.66 -12.41 -32.98
N LEU C 760 2.03 -11.24 -33.09
CA LEU C 760 0.79 -10.91 -32.38
C LEU C 760 -0.32 -11.86 -32.82
N GLN C 761 -0.57 -11.87 -34.13
CA GLN C 761 -1.68 -12.61 -34.74
C GLN C 761 -1.64 -14.10 -34.40
N GLU C 762 -0.43 -14.65 -34.33
CA GLU C 762 -0.23 -16.04 -33.93
C GLU C 762 -0.75 -16.34 -32.52
N TYR C 763 -0.43 -15.47 -31.56
CA TYR C 763 -0.87 -15.67 -30.17
C TYR C 763 -2.35 -15.37 -29.96
N PHE C 764 -2.89 -14.46 -30.76
CA PHE C 764 -4.31 -14.14 -30.69
C PHE C 764 -5.13 -15.34 -31.11
N LYS C 765 -4.75 -15.96 -32.22
CA LYS C 765 -5.48 -17.10 -32.78
C LYS C 765 -5.49 -18.26 -31.79
N GLU C 766 -4.31 -18.64 -31.30
CA GLU C 766 -4.20 -19.78 -30.40
C GLU C 766 -4.94 -19.55 -29.08
N PHE C 767 -4.86 -18.34 -28.53
CA PHE C 767 -5.49 -18.06 -27.25
C PHE C 767 -7.01 -18.23 -27.33
N GLU C 768 -7.63 -17.65 -28.35
CA GLU C 768 -9.08 -17.73 -28.47
C GLU C 768 -9.56 -19.12 -28.87
N LYS C 769 -8.64 -19.90 -29.44
CA LYS C 769 -8.88 -21.32 -29.71
C LYS C 769 -8.81 -22.14 -28.41
N GLU C 770 -8.17 -21.59 -27.38
CA GLU C 770 -8.00 -22.30 -26.11
C GLU C 770 -8.82 -21.68 -24.96
N PHE C 771 -9.26 -20.44 -25.15
CA PHE C 771 -10.04 -19.72 -24.14
C PHE C 771 -11.13 -20.56 -23.47
N ARG C 772 -11.84 -21.36 -24.25
CA ARG C 772 -12.93 -22.21 -23.77
C ARG C 772 -12.50 -23.28 -22.78
N GLN C 773 -11.18 -23.51 -22.69
CA GLN C 773 -10.61 -24.60 -21.88
C GLN C 773 -10.17 -24.19 -20.47
N LEU C 774 -10.06 -22.89 -20.25
CA LEU C 774 -9.50 -22.36 -19.01
C LEU C 774 -10.44 -22.56 -17.81
N ASN C 775 -9.84 -22.65 -16.63
CA ASN C 775 -10.57 -22.69 -15.37
C ASN C 775 -11.44 -21.44 -15.23
N TYR C 776 -12.71 -21.64 -14.92
CA TYR C 776 -13.68 -20.55 -14.88
C TYR C 776 -13.26 -19.40 -13.96
N ILE C 777 -12.57 -19.72 -12.86
CA ILE C 777 -12.06 -18.70 -11.93
C ILE C 777 -11.04 -17.81 -12.63
N SER C 778 -10.14 -18.43 -13.39
CA SER C 778 -9.08 -17.69 -14.06
C SER C 778 -9.62 -16.76 -15.16
N ILE C 779 -10.86 -16.97 -15.59
CA ILE C 779 -11.48 -16.12 -16.61
C ILE C 779 -12.71 -15.34 -16.12
N ALA C 780 -12.88 -15.28 -14.81
CA ALA C 780 -13.92 -14.44 -14.21
C ALA C 780 -13.39 -13.04 -13.89
N SER C 781 -14.21 -12.03 -14.12
CA SER C 781 -13.90 -10.65 -13.73
C SER C 781 -14.01 -10.51 -12.22
N VAL C 782 -13.48 -9.39 -11.71
CA VAL C 782 -13.49 -9.08 -10.28
C VAL C 782 -13.96 -7.65 -10.07
N SER C 783 -14.88 -7.46 -9.12
CA SER C 783 -15.28 -6.12 -8.72
C SER C 783 -15.58 -6.12 -7.21
N SER C 784 -15.59 -4.94 -6.61
CA SER C 784 -15.91 -4.83 -5.19
C SER C 784 -17.41 -4.59 -5.00
N ALA C 785 -17.96 -5.12 -3.92
CA ALA C 785 -19.39 -5.05 -3.65
C ALA C 785 -19.79 -3.86 -2.78
N ASN C 786 -20.05 -2.72 -3.43
CA ASN C 786 -20.42 -1.52 -2.67
C ASN C 786 -21.85 -1.10 -2.92
N ASN C 787 -22.54 -0.75 -1.84
CA ASN C 787 -23.94 -0.31 -1.86
C ASN C 787 -24.91 -1.35 -2.40
N ILE C 788 -24.73 -2.60 -1.99
CA ILE C 788 -25.66 -3.64 -2.40
C ILE C 788 -27.08 -3.21 -2.00
N ALA C 789 -27.22 -2.73 -0.76
CA ALA C 789 -28.51 -2.32 -0.22
C ALA C 789 -29.26 -1.25 -1.06
N LYS C 790 -28.53 -0.32 -1.66
CA LYS C 790 -29.10 0.81 -2.43
C LYS C 790 -30.00 0.39 -3.60
N TYR C 791 -29.66 -0.72 -4.24
CA TYR C 791 -30.37 -1.19 -5.43
C TYR C 791 -31.10 -2.52 -5.15
N ASP C 792 -31.28 -2.84 -3.87
CA ASP C 792 -31.79 -4.15 -3.45
C ASP C 792 -33.19 -4.44 -3.98
N VAL C 793 -34.12 -3.53 -3.75
CA VAL C 793 -35.53 -3.60 -4.25
C VAL C 793 -36.13 -5.02 -4.33
N GLY C 794 -36.31 -5.64 -3.15
CA GLY C 794 -36.93 -6.97 -3.06
C GLY C 794 -36.11 -8.13 -3.59
N GLY C 795 -34.86 -7.87 -3.95
CA GLY C 795 -33.97 -8.91 -4.49
C GLY C 795 -33.82 -8.85 -6.00
N PHE C 796 -34.18 -7.69 -6.56
CA PHE C 796 -34.09 -7.46 -7.99
C PHE C 796 -33.39 -6.11 -8.25
N PRO C 797 -32.70 -5.98 -9.40
CA PRO C 797 -32.09 -4.70 -9.78
C PRO C 797 -33.08 -3.51 -9.74
N GLY C 798 -32.70 -2.46 -9.02
CA GLY C 798 -33.46 -1.22 -8.99
C GLY C 798 -32.99 -0.30 -10.12
N PRO C 799 -33.38 0.99 -10.06
CA PRO C 799 -32.95 1.97 -11.07
C PRO C 799 -31.43 2.23 -11.06
N LYS C 800 -30.84 2.34 -12.25
CA LYS C 800 -29.40 2.62 -12.42
C LYS C 800 -28.45 1.54 -11.86
N CYS C 801 -28.99 0.39 -11.46
CA CYS C 801 -28.21 -0.68 -10.80
C CYS C 801 -27.01 -1.18 -11.61
N PRO C 802 -25.80 -1.06 -11.04
CA PRO C 802 -24.55 -1.49 -11.67
C PRO C 802 -24.55 -3.00 -12.02
N PHE C 803 -23.69 -3.37 -12.96
CA PHE C 803 -23.61 -4.72 -13.49
C PHE C 803 -23.17 -5.76 -12.46
N HIS C 804 -22.12 -5.45 -11.69
CA HIS C 804 -21.62 -6.41 -10.71
C HIS C 804 -22.59 -6.60 -9.55
N ILE C 805 -23.25 -5.52 -9.17
CA ILE C 805 -24.29 -5.53 -8.14
C ILE C 805 -25.48 -6.40 -8.59
N ARG C 806 -25.81 -6.32 -9.88
CA ARG C 806 -26.85 -7.15 -10.49
C ARG C 806 -26.51 -8.62 -10.32
N GLY C 807 -25.25 -8.96 -10.59
CA GLY C 807 -24.76 -10.33 -10.42
C GLY C 807 -24.88 -10.81 -8.99
N ILE C 808 -24.71 -9.88 -8.05
CA ILE C 808 -24.81 -10.19 -6.64
C ILE C 808 -26.25 -10.51 -6.26
N LEU C 809 -27.18 -9.73 -6.80
CA LEU C 809 -28.58 -9.91 -6.49
C LEU C 809 -29.11 -11.25 -7.00
N THR C 810 -28.68 -11.65 -8.18
CA THR C 810 -29.13 -12.91 -8.80
C THR C 810 -28.54 -14.11 -8.07
N TYR C 811 -27.36 -13.93 -7.50
CA TYR C 811 -26.73 -14.94 -6.66
C TYR C 811 -27.58 -15.17 -5.40
N ASN C 812 -27.98 -14.07 -4.76
CA ASN C 812 -28.72 -14.13 -3.51
C ASN C 812 -30.09 -14.79 -3.62
N ARG C 813 -30.71 -14.66 -4.79
CA ARG C 813 -31.98 -15.31 -5.07
C ARG C 813 -31.82 -16.83 -5.15
N ALA C 814 -30.77 -17.28 -5.86
CA ALA C 814 -30.48 -18.71 -6.04
C ALA C 814 -30.13 -19.44 -4.75
N ILE C 815 -29.44 -18.76 -3.83
CA ILE C 815 -29.01 -19.39 -2.58
C ILE C 815 -30.01 -19.22 -1.43
N LYS C 816 -31.03 -18.39 -1.65
CA LYS C 816 -32.07 -18.16 -0.64
C LYS C 816 -32.71 -19.48 -0.23
N GLY C 817 -32.87 -19.66 1.08
CA GLY C 817 -33.33 -20.94 1.62
C GLY C 817 -32.20 -21.64 2.34
N ASN C 818 -31.15 -22.01 1.58
CA ASN C 818 -29.99 -22.69 2.15
C ASN C 818 -29.08 -21.74 2.91
N ILE C 819 -29.10 -21.87 4.24
CA ILE C 819 -28.39 -20.92 5.10
C ILE C 819 -26.92 -21.29 5.31
N ASP C 820 -26.51 -22.47 4.84
CA ASP C 820 -25.11 -22.89 4.93
C ASP C 820 -24.25 -22.26 3.84
N ALA C 821 -24.90 -21.87 2.74
CA ALA C 821 -24.24 -21.24 1.59
C ALA C 821 -23.47 -19.96 1.98
N PRO C 822 -22.34 -19.69 1.29
CA PRO C 822 -21.55 -18.50 1.61
C PRO C 822 -22.26 -17.21 1.20
N GLN C 823 -22.37 -16.27 2.14
CA GLN C 823 -22.96 -14.97 1.86
C GLN C 823 -21.96 -13.99 1.24
N VAL C 824 -22.48 -13.08 0.41
CA VAL C 824 -21.67 -12.00 -0.14
C VAL C 824 -21.66 -10.84 0.86
N VAL C 825 -20.48 -10.38 1.23
CA VAL C 825 -20.36 -9.34 2.23
C VAL C 825 -20.12 -7.96 1.62
N GLU C 826 -20.81 -6.96 2.14
CA GLU C 826 -20.60 -5.55 1.78
C GLU C 826 -19.14 -5.15 1.85
N GLY C 827 -18.70 -4.44 0.81
CA GLY C 827 -17.34 -3.91 0.75
C GLY C 827 -16.30 -4.85 0.17
N GLU C 828 -16.58 -6.15 0.23
CA GLU C 828 -15.61 -7.16 -0.22
C GLU C 828 -15.69 -7.41 -1.71
N LYS C 829 -14.66 -8.08 -2.23
CA LYS C 829 -14.54 -8.32 -3.67
C LYS C 829 -15.38 -9.52 -4.09
N VAL C 830 -15.87 -9.50 -5.32
CA VAL C 830 -16.65 -10.62 -5.88
C VAL C 830 -16.16 -11.01 -7.26
N TYR C 831 -16.35 -12.28 -7.60
CA TYR C 831 -16.12 -12.76 -8.96
C TYR C 831 -17.39 -12.56 -9.76
N VAL C 832 -17.25 -12.17 -11.02
CA VAL C 832 -18.40 -11.86 -11.85
C VAL C 832 -18.30 -12.60 -13.18
N LEU C 833 -19.40 -13.23 -13.56
CA LEU C 833 -19.49 -13.95 -14.85
C LEU C 833 -20.78 -13.62 -15.59
N PRO C 834 -20.68 -13.43 -16.92
CA PRO C 834 -21.86 -13.22 -17.76
C PRO C 834 -22.57 -14.53 -18.10
N LEU C 835 -23.88 -14.44 -18.35
CA LEU C 835 -24.73 -15.61 -18.55
C LEU C 835 -25.49 -15.55 -19.88
N ARG C 836 -25.79 -16.73 -20.43
CA ARG C 836 -26.49 -16.85 -21.70
C ARG C 836 -28.00 -16.75 -21.57
N GLU C 837 -28.64 -16.20 -22.60
CA GLU C 837 -30.10 -16.01 -22.64
C GLU C 837 -30.90 -17.23 -22.19
N GLY C 838 -31.91 -16.98 -21.36
CA GLY C 838 -32.82 -18.02 -20.91
C GLY C 838 -32.18 -19.06 -20.01
N ASN C 839 -31.33 -18.60 -19.10
CA ASN C 839 -30.71 -19.46 -18.09
C ASN C 839 -31.61 -19.61 -16.85
N PRO C 840 -31.35 -20.62 -16.01
CA PRO C 840 -32.14 -20.89 -14.81
C PRO C 840 -32.16 -19.78 -13.77
N PHE C 841 -31.17 -18.89 -13.78
CA PHE C 841 -31.09 -17.81 -12.79
C PHE C 841 -31.98 -16.63 -13.15
N GLY C 842 -32.44 -16.60 -14.40
CA GLY C 842 -33.35 -15.56 -14.87
C GLY C 842 -32.75 -14.16 -14.83
N ASP C 843 -31.47 -14.05 -15.20
CA ASP C 843 -30.76 -12.75 -15.36
C ASP C 843 -29.40 -12.94 -16.05
N LYS C 844 -28.84 -11.84 -16.57
CA LYS C 844 -27.72 -11.90 -17.51
C LYS C 844 -26.31 -12.10 -16.92
N CYS C 845 -26.21 -12.16 -15.59
CA CYS C 845 -24.91 -12.28 -14.94
C CYS C 845 -25.01 -12.75 -13.49
N ILE C 846 -23.97 -13.45 -13.03
CA ILE C 846 -23.88 -13.95 -11.66
C ILE C 846 -22.56 -13.52 -11.00
N ALA C 847 -22.60 -13.38 -9.68
CA ALA C 847 -21.42 -12.96 -8.91
C ALA C 847 -21.39 -13.65 -7.57
N TRP C 848 -20.21 -14.08 -7.14
CA TRP C 848 -20.07 -14.73 -5.84
C TRP C 848 -18.81 -14.24 -5.13
N PRO C 849 -18.73 -14.46 -3.80
CA PRO C 849 -17.55 -14.06 -3.04
C PRO C 849 -16.25 -14.43 -3.75
N SER C 850 -15.27 -13.54 -3.72
CA SER C 850 -14.03 -13.73 -4.46
C SER C 850 -12.99 -14.49 -3.65
N GLY C 851 -12.04 -15.08 -4.36
CA GLY C 851 -11.00 -15.89 -3.75
C GLY C 851 -11.47 -17.30 -3.48
N THR C 852 -12.79 -17.50 -3.52
CA THR C 852 -13.40 -18.78 -3.21
C THR C 852 -13.91 -19.46 -4.49
N GLU C 853 -14.29 -20.73 -4.37
CA GLU C 853 -15.08 -21.40 -5.40
C GLU C 853 -16.56 -21.31 -5.04
N ILE C 854 -17.42 -21.45 -6.05
CA ILE C 854 -18.86 -21.32 -5.86
C ILE C 854 -19.42 -22.58 -5.21
N THR C 855 -20.52 -22.43 -4.47
CA THR C 855 -21.14 -23.56 -3.77
C THR C 855 -21.76 -24.56 -4.74
N ASP C 856 -21.56 -25.85 -4.42
CA ASP C 856 -22.08 -26.95 -5.23
C ASP C 856 -23.58 -26.83 -5.48
N LEU C 857 -24.24 -26.03 -4.65
CA LEU C 857 -25.64 -25.66 -4.87
C LEU C 857 -25.86 -25.19 -6.30
N ILE C 858 -25.06 -24.22 -6.75
CA ILE C 858 -25.23 -23.65 -8.08
C ILE C 858 -24.04 -23.90 -8.99
N LYS C 859 -22.90 -24.24 -8.40
CA LYS C 859 -21.63 -24.40 -9.12
C LYS C 859 -21.75 -24.93 -10.56
N ASP C 860 -22.43 -26.06 -10.74
CA ASP C 860 -22.50 -26.71 -12.06
C ASP C 860 -23.39 -25.94 -13.04
N ASP C 861 -24.57 -25.52 -12.57
CA ASP C 861 -25.50 -24.74 -13.39
C ASP C 861 -24.82 -23.54 -14.06
N VAL C 862 -24.12 -22.74 -13.25
CA VAL C 862 -23.41 -21.55 -13.75
C VAL C 862 -22.28 -21.90 -14.70
N LEU C 863 -21.47 -22.89 -14.33
CA LEU C 863 -20.40 -23.40 -15.19
C LEU C 863 -21.00 -23.87 -16.52
N HIS C 864 -22.22 -24.39 -16.43
CA HIS C 864 -22.95 -24.94 -17.57
C HIS C 864 -23.61 -23.86 -18.43
N TRP C 865 -23.84 -22.67 -17.86
CA TRP C 865 -24.48 -21.57 -18.60
C TRP C 865 -23.56 -20.38 -18.89
N MET C 866 -22.28 -20.51 -18.53
CA MET C 866 -21.27 -19.48 -18.78
C MET C 866 -21.29 -18.98 -20.21
N ASP C 867 -21.22 -17.66 -20.38
CA ASP C 867 -21.21 -17.09 -21.72
C ASP C 867 -19.78 -16.78 -22.17
N TYR C 868 -19.07 -17.81 -22.62
CA TYR C 868 -17.71 -17.67 -23.09
C TYR C 868 -17.52 -16.62 -24.19
N THR C 869 -18.53 -16.45 -25.05
CA THR C 869 -18.40 -15.58 -26.23
C THR C 869 -18.41 -14.10 -25.86
N VAL C 870 -19.27 -13.74 -24.90
CA VAL C 870 -19.34 -12.36 -24.43
C VAL C 870 -18.10 -12.07 -23.57
N LEU C 871 -17.76 -13.03 -22.70
CA LEU C 871 -16.59 -12.95 -21.83
C LEU C 871 -15.29 -12.64 -22.59
N LEU C 872 -15.02 -13.42 -23.62
CA LEU C 872 -13.86 -13.20 -24.47
C LEU C 872 -13.94 -11.86 -25.19
N GLU C 873 -15.14 -11.47 -25.60
CA GLU C 873 -15.35 -10.22 -26.35
C GLU C 873 -15.04 -8.97 -25.52
N LYS C 874 -15.58 -8.90 -24.31
CA LYS C 874 -15.47 -7.70 -23.47
C LYS C 874 -14.18 -7.62 -22.64
N THR C 875 -13.73 -8.74 -22.07
CA THR C 875 -12.52 -8.70 -21.22
C THR C 875 -11.21 -8.74 -22.01
N PHE C 876 -11.26 -9.32 -23.21
CA PHE C 876 -10.05 -9.56 -23.98
C PHE C 876 -10.01 -8.82 -25.32
N ILE C 877 -11.04 -8.98 -26.13
CA ILE C 877 -11.02 -8.48 -27.50
C ILE C 877 -11.10 -6.96 -27.58
N LYS C 878 -12.02 -6.36 -26.84
CA LYS C 878 -12.13 -4.89 -26.76
C LYS C 878 -10.83 -4.19 -26.33
N PRO C 879 -10.26 -4.60 -25.17
CA PRO C 879 -8.94 -4.09 -24.76
C PRO C 879 -7.86 -4.21 -25.83
N LEU C 880 -7.73 -5.39 -26.42
CA LEU C 880 -6.72 -5.62 -27.44
C LEU C 880 -6.95 -4.68 -28.62
N GLU C 881 -8.20 -4.60 -29.08
CA GLU C 881 -8.58 -3.69 -30.16
C GLU C 881 -8.17 -2.27 -29.80
N GLY C 882 -8.30 -1.93 -28.51
CA GLY C 882 -7.86 -0.65 -27.98
C GLY C 882 -6.38 -0.41 -28.20
N PHE C 883 -5.55 -1.35 -27.75
CA PHE C 883 -4.11 -1.25 -27.93
C PHE C 883 -3.73 -1.18 -29.41
N THR C 884 -4.35 -2.07 -30.18
CA THR C 884 -4.08 -2.25 -31.60
C THR C 884 -4.33 -0.99 -32.44
N SER C 885 -5.46 -0.35 -32.20
CA SER C 885 -5.81 0.89 -32.89
C SER C 885 -4.74 1.97 -32.68
N ALA C 886 -4.32 2.15 -31.44
CA ALA C 886 -3.30 3.14 -31.10
C ALA C 886 -1.95 2.79 -31.72
N ALA C 887 -1.62 1.50 -31.68
CA ALA C 887 -0.38 1.01 -32.27
C ALA C 887 -0.45 1.03 -33.80
N LYS C 888 -1.67 1.13 -34.32
CA LYS C 888 -1.94 1.04 -35.77
C LYS C 888 -1.48 -0.31 -36.32
N LEU C 889 -1.95 -1.37 -35.66
CA LEU C 889 -1.73 -2.76 -36.07
C LEU C 889 -3.08 -3.41 -36.35
N ASP C 890 -3.11 -4.73 -36.52
CA ASP C 890 -4.35 -5.39 -36.93
C ASP C 890 -4.84 -6.54 -36.04
N TYR C 891 -3.92 -7.31 -35.47
CA TYR C 891 -4.20 -8.52 -34.68
C TYR C 891 -5.04 -9.62 -35.38
N GLU C 892 -5.52 -9.35 -36.59
CA GLU C 892 -6.43 -10.23 -37.32
C GLU C 892 -5.89 -10.57 -38.71
N LYS C 893 -6.60 -10.06 -39.73
CA LYS C 893 -6.28 -10.21 -41.15
C LYS C 893 -7.49 -9.69 -41.92
N LYS C 894 -7.38 -8.48 -42.49
CA LYS C 894 -8.51 -7.82 -43.17
C LYS C 894 -8.74 -8.29 -44.62
N ALA C 895 -9.64 -7.61 -45.33
CA ALA C 895 -10.02 -7.96 -46.71
C ALA C 895 -8.84 -7.91 -47.69
N SER C 896 -8.11 -9.03 -47.77
CA SER C 896 -6.86 -9.12 -48.52
C SER C 896 -7.02 -8.91 -50.02
N LEU C 897 -8.11 -9.45 -50.58
CA LEU C 897 -8.32 -9.52 -52.03
C LEU C 897 -7.12 -10.15 -52.78
N PHE C 898 -6.18 -10.71 -52.02
CA PHE C 898 -5.17 -11.64 -52.53
C PHE C 898 -5.76 -13.05 -52.47
N ASP C 899 -6.80 -13.18 -51.64
CA ASP C 899 -7.52 -14.44 -51.41
C ASP C 899 -7.77 -15.28 -52.66
N MET C 900 -8.00 -14.60 -53.79
CA MET C 900 -8.35 -15.25 -55.04
C MET C 900 -7.25 -16.15 -55.59
N PHE C 901 -6.03 -15.60 -55.72
CA PHE C 901 -4.88 -16.41 -56.15
C PHE C 901 -4.11 -17.03 -54.98
N ASP C 902 -4.83 -17.82 -54.18
CA ASP C 902 -4.24 -18.61 -53.11
C ASP C 902 -3.79 -19.99 -53.64
N PHE C 903 -2.95 -20.68 -52.86
CA PHE C 903 -2.36 -21.98 -53.21
C PHE C 903 -1.45 -21.88 -54.43
#